data_6Q4M
#
_entry.id   6Q4M
#
_cell.length_a   137.316
_cell.length_b   150.736
_cell.length_c   199.492
_cell.angle_alpha   90.00
_cell.angle_beta   90.00
_cell.angle_gamma   90.00
#
_symmetry.space_group_name_H-M   'F 2 2 2'
#
loop_
_entity.id
_entity.type
_entity.pdbx_description
1 polymer 'UDP-N-acetylglucosamine--peptide N-acetylglucosaminyltransferase 110 kDa subunit'
2 non-polymer '(2S,3R,4R,5S,6R)-3-(acetylamino)-4,5-dihydroxy-6-(hydroxymethyl)tetrahydro-2H-thiopyran-2-yl [(2R,3S,4R,5R)-5-(2,4-dioxo-3,4-dihydropyrimidin-1(2H)-yl)-3,4-dihydroxytetrahydrofuran-2-yl]methyl dihydrogen diphosphate'
3 non-polymer 'PHOSPHATE ION'
4 water water
#
_entity_poly.entity_id   1
_entity_poly.type   'polypeptide(L)'
_entity_poly.pdbx_seq_one_letter_code
;GPGSCPTHADSLNNLANIKREQGNIEEAVRLYRKALEVFPEFAAAHSNLASVLQQQGKLQEALMHYKEAIRISPTFADAY
SNMGNTLKEMQDVQGALQCYTRAIQINPAFADAHSNLASIHKDSGNIPEAIASYRTALKLKPDFPDAYCNLAHCLQIVCD
WTDYDERMKKLVSIVADQLEKNRLPSVHPHHSMLYPLSHGFRKAIAERHGNLCLDKINVLHKPPYEHPKDLKLSDGRLRV
GYVSSDFGNHPTSHLMQSIPGMHNPDKFEVFCYALSPDDGTNFRVKVMAEANHFIDLSQIPCNGKAADRIHQDGIHILVN
MNGYTKGARYELFALRPAPIQAMWLGYPGTSGALFMDYIITDQETSPAEVAEQYSEKLAYMPHTFFIGDHANMFPHLKKK
AVIDFKSNGHIYDNRIVLNGIDLKAFLDSLPDVKIVKMKCPDGGDNADSSNTALNMPVIPMNTIAEAVIEMINRGQIQIT
INGFSISNGLATTQINNKAATGEEVPRTIIVTTRSQYGLPEDAIVYCNFNQLYKIDPSTLQMWANILKRVPNSVLWLLRF
PAVGEPNIQQYAQNMGLPQNRIIFSPVAPKEEHVRRGQLADVCLDTPLCNGHTTGMDVLWAGTPMVTMPGETLASRVAAS
QLTCLGCLELIAKNRQEYEDIAVKLGTDLEYLKKVRGKVWKQRISSPLFNTKQYTMELERLYLQMWEHYAAGNKPDHMIK
PVE
;
_entity_poly.pdbx_strand_id   A
#
# COMPACT_ATOMS: atom_id res chain seq x y z
N PRO A 6 48.48 6.58 -14.02
CA PRO A 6 47.83 5.77 -12.95
C PRO A 6 47.58 6.47 -11.59
N THR A 7 48.27 7.56 -11.24
CA THR A 7 48.01 8.35 -9.98
C THR A 7 47.42 9.72 -10.33
N HIS A 8 47.77 10.27 -11.49
CA HIS A 8 46.87 11.23 -12.17
C HIS A 8 45.46 10.57 -12.19
N ALA A 9 45.38 9.37 -12.77
CA ALA A 9 44.16 8.54 -12.84
C ALA A 9 43.52 8.35 -11.45
N ASP A 10 44.28 7.91 -10.43
CA ASP A 10 43.76 7.71 -9.04
C ASP A 10 43.17 9.00 -8.44
N SER A 11 43.69 10.19 -8.76
CA SER A 11 43.21 11.45 -8.12
C SER A 11 41.90 11.84 -8.81
N LEU A 12 41.83 11.65 -10.13
CA LEU A 12 40.58 11.83 -10.92
C LEU A 12 39.48 10.91 -10.36
N ASN A 13 39.82 9.62 -10.22
CA ASN A 13 38.91 8.59 -9.64
C ASN A 13 38.44 9.00 -8.24
N ASN A 14 39.36 9.44 -7.36
CA ASN A 14 39.02 9.77 -5.95
C ASN A 14 38.16 11.03 -5.89
N LEU A 15 38.53 12.05 -6.66
CA LEU A 15 37.71 13.28 -6.81
C LEU A 15 36.28 12.86 -7.22
N ALA A 16 36.17 12.08 -8.29
CA ALA A 16 34.89 11.56 -8.83
C ALA A 16 34.11 10.85 -7.71
N ASN A 17 34.76 9.98 -6.95
CA ASN A 17 34.04 9.30 -5.84
C ASN A 17 33.45 10.40 -4.94
N ILE A 18 34.19 11.47 -4.60
CA ILE A 18 33.67 12.48 -3.62
C ILE A 18 32.57 13.28 -4.30
N LYS A 19 32.79 13.69 -5.57
CA LYS A 19 31.77 14.36 -6.41
C LYS A 19 30.47 13.55 -6.44
N ARG A 20 30.56 12.22 -6.52
CA ARG A 20 29.36 11.35 -6.51
C ARG A 20 28.72 11.44 -5.12
N GLU A 21 29.46 11.13 -4.04
CA GLU A 21 28.96 11.18 -2.63
C GLU A 21 28.25 12.51 -2.38
N GLN A 22 28.84 13.62 -2.84
CA GLN A 22 28.24 14.98 -2.75
C GLN A 22 26.90 15.06 -3.50
N GLY A 23 26.72 14.29 -4.56
CA GLY A 23 25.52 14.32 -5.42
C GLY A 23 25.76 15.08 -6.72
N ASN A 24 27.02 15.39 -7.05
CA ASN A 24 27.38 16.07 -8.32
C ASN A 24 27.67 14.97 -9.33
N ILE A 25 26.59 14.38 -9.86
CA ILE A 25 26.60 13.08 -10.57
C ILE A 25 27.27 13.28 -11.92
N GLU A 26 26.88 14.35 -12.65
CA GLU A 26 27.43 14.74 -13.98
C GLU A 26 28.94 14.94 -13.88
N GLU A 27 29.35 15.69 -12.86
CA GLU A 27 30.77 16.01 -12.54
C GLU A 27 31.53 14.69 -12.34
N ALA A 28 30.97 13.77 -11.55
CA ALA A 28 31.57 12.45 -11.22
C ALA A 28 31.81 11.65 -12.51
N VAL A 29 30.81 11.61 -13.40
CA VAL A 29 30.87 10.89 -14.71
C VAL A 29 32.08 11.41 -15.51
N ARG A 30 32.19 12.72 -15.66
CA ARG A 30 33.24 13.36 -16.51
C ARG A 30 34.59 12.92 -15.97
N LEU A 31 34.74 12.91 -14.65
CA LEU A 31 36.05 12.63 -14.01
C LEU A 31 36.39 11.16 -14.20
N TYR A 32 35.41 10.26 -14.06
CA TYR A 32 35.69 8.81 -14.23
C TYR A 32 36.17 8.58 -15.66
N ARG A 33 35.59 9.31 -16.62
CA ARG A 33 35.94 9.17 -18.07
C ARG A 33 37.34 9.73 -18.31
N LYS A 34 37.69 10.87 -17.69
CA LYS A 34 39.08 11.41 -17.70
C LYS A 34 40.01 10.36 -17.07
N ALA A 35 39.66 9.81 -15.90
CA ALA A 35 40.41 8.68 -15.30
C ALA A 35 40.68 7.57 -16.34
N LEU A 36 39.71 7.21 -17.18
CA LEU A 36 39.86 6.05 -18.12
C LEU A 36 40.60 6.53 -19.37
N GLU A 37 40.45 7.81 -19.68
CA GLU A 37 41.24 8.48 -20.74
C GLU A 37 42.73 8.37 -20.38
N VAL A 38 43.07 8.72 -19.14
CA VAL A 38 44.48 8.70 -18.64
C VAL A 38 44.94 7.25 -18.53
N PHE A 39 44.10 6.37 -17.97
CA PHE A 39 44.47 4.95 -17.66
C PHE A 39 43.38 3.95 -18.07
N PRO A 40 43.32 3.52 -19.36
CA PRO A 40 42.28 2.61 -19.88
C PRO A 40 41.97 1.35 -19.04
N GLU A 41 43.00 0.64 -18.60
CA GLU A 41 42.89 -0.63 -17.84
C GLU A 41 42.65 -0.39 -16.34
N PHE A 42 41.92 0.65 -15.98
CA PHE A 42 41.67 0.99 -14.56
C PHE A 42 40.34 0.31 -14.16
N ALA A 43 40.42 -0.92 -13.68
CA ALA A 43 39.23 -1.71 -13.28
C ALA A 43 38.31 -0.89 -12.37
N ALA A 44 38.83 -0.16 -11.38
CA ALA A 44 37.98 0.52 -10.36
C ALA A 44 37.25 1.69 -11.03
N ALA A 45 37.88 2.35 -11.98
CA ALA A 45 37.26 3.52 -12.62
C ALA A 45 36.06 3.03 -13.47
N HIS A 46 36.21 1.91 -14.17
CA HIS A 46 35.10 1.33 -14.98
C HIS A 46 33.93 0.98 -14.09
N SER A 47 34.21 0.35 -12.96
CA SER A 47 33.20 -0.13 -12.00
C SER A 47 32.53 1.07 -11.35
N ASN A 48 33.26 2.15 -11.11
CA ASN A 48 32.66 3.36 -10.47
C ASN A 48 31.85 4.12 -11.52
N LEU A 49 32.37 4.31 -12.72
CA LEU A 49 31.58 4.92 -13.81
C LEU A 49 30.30 4.10 -13.97
N ALA A 50 30.39 2.76 -14.00
CA ALA A 50 29.20 1.90 -14.16
C ALA A 50 28.17 2.23 -13.06
N SER A 51 28.58 2.31 -11.80
CA SER A 51 27.67 2.57 -10.65
C SER A 51 26.94 3.89 -10.85
N VAL A 52 27.63 4.91 -11.30
CA VAL A 52 26.98 6.23 -11.45
C VAL A 52 26.08 6.21 -12.70
N LEU A 53 26.47 5.54 -13.79
CA LEU A 53 25.59 5.36 -14.98
C LEU A 53 24.33 4.60 -14.53
N GLN A 54 24.48 3.61 -13.66
CA GLN A 54 23.35 2.82 -13.13
C GLN A 54 22.40 3.78 -12.38
N GLN A 55 22.93 4.67 -11.54
CA GLN A 55 22.14 5.69 -10.76
C GLN A 55 21.34 6.57 -11.74
N GLN A 56 21.98 6.99 -12.82
CA GLN A 56 21.35 7.80 -13.89
C GLN A 56 20.35 6.97 -14.72
N GLY A 57 20.21 5.65 -14.54
CA GLY A 57 19.28 4.85 -15.39
C GLY A 57 19.90 4.35 -16.69
N LYS A 58 21.19 4.61 -16.97
CA LYS A 58 21.94 4.12 -18.17
C LYS A 58 22.43 2.70 -17.94
N LEU A 59 21.49 1.78 -17.89
CA LEU A 59 21.70 0.42 -17.37
C LEU A 59 22.55 -0.41 -18.34
N GLN A 60 22.35 -0.27 -19.65
CA GLN A 60 23.14 -1.07 -20.64
C GLN A 60 24.56 -0.51 -20.65
N GLU A 61 24.72 0.81 -20.60
CA GLU A 61 26.07 1.40 -20.57
C GLU A 61 26.77 0.98 -19.26
N ALA A 62 26.05 0.96 -18.14
CA ALA A 62 26.64 0.53 -16.86
C ALA A 62 27.17 -0.90 -17.04
N LEU A 63 26.32 -1.80 -17.55
CA LEU A 63 26.61 -3.25 -17.61
C LEU A 63 27.93 -3.40 -18.35
N MET A 64 28.10 -2.60 -19.40
CA MET A 64 29.25 -2.73 -20.31
C MET A 64 30.52 -2.40 -19.53
N HIS A 65 30.48 -1.34 -18.71
CA HIS A 65 31.64 -0.91 -17.87
C HIS A 65 31.89 -1.90 -16.72
N TYR A 66 30.84 -2.47 -16.14
CA TYR A 66 31.06 -3.52 -15.13
C TYR A 66 31.83 -4.67 -15.79
N LYS A 67 31.45 -5.08 -16.99
CA LYS A 67 32.07 -6.29 -17.59
C LYS A 67 33.53 -5.98 -17.90
N GLU A 68 33.83 -4.75 -18.31
CA GLU A 68 35.22 -4.28 -18.55
C GLU A 68 36.00 -4.39 -17.26
N ALA A 69 35.45 -3.88 -16.17
CA ALA A 69 36.10 -3.92 -14.85
C ALA A 69 36.51 -5.37 -14.59
N ILE A 70 35.58 -6.30 -14.80
CA ILE A 70 35.77 -7.74 -14.48
C ILE A 70 36.77 -8.34 -15.48
N ARG A 71 36.76 -7.95 -16.75
CA ARG A 71 37.70 -8.44 -17.78
C ARG A 71 39.13 -8.07 -17.37
N ILE A 72 39.33 -6.84 -16.89
CA ILE A 72 40.64 -6.35 -16.34
C ILE A 72 40.99 -7.07 -15.05
N SER A 73 40.02 -7.26 -14.17
CA SER A 73 40.25 -7.92 -12.87
C SER A 73 39.17 -8.97 -12.62
N PRO A 74 39.40 -10.25 -13.02
CA PRO A 74 38.38 -11.29 -12.92
C PRO A 74 37.90 -11.61 -11.50
N THR A 75 38.63 -11.22 -10.46
CA THR A 75 38.27 -11.47 -9.03
C THR A 75 37.71 -10.20 -8.39
N PHE A 76 37.28 -9.23 -9.17
CA PHE A 76 36.72 -7.95 -8.65
C PHE A 76 35.29 -8.20 -8.16
N ALA A 77 35.13 -8.80 -6.98
CA ALA A 77 33.81 -9.20 -6.42
C ALA A 77 32.84 -8.03 -6.36
N ASP A 78 33.31 -6.81 -6.11
CA ASP A 78 32.47 -5.59 -5.96
C ASP A 78 31.80 -5.28 -7.30
N ALA A 79 32.52 -5.43 -8.42
CA ALA A 79 31.95 -5.25 -9.75
C ALA A 79 30.78 -6.22 -9.94
N TYR A 80 30.97 -7.49 -9.59
CA TYR A 80 29.92 -8.50 -9.80
C TYR A 80 28.73 -8.12 -8.95
N SER A 81 28.96 -7.69 -7.71
CA SER A 81 27.89 -7.32 -6.74
C SER A 81 27.09 -6.15 -7.30
N ASN A 82 27.75 -5.14 -7.80
CA ASN A 82 27.07 -3.95 -8.33
C ASN A 82 26.40 -4.28 -9.68
N MET A 83 27.05 -5.09 -10.53
CA MET A 83 26.46 -5.57 -11.81
C MET A 83 25.13 -6.24 -11.49
N GLY A 84 25.13 -7.08 -10.47
CA GLY A 84 23.95 -7.82 -10.03
C GLY A 84 22.80 -6.88 -9.73
N ASN A 85 23.10 -5.73 -9.13
CA ASN A 85 22.07 -4.74 -8.76
C ASN A 85 21.52 -4.13 -10.04
N THR A 86 22.39 -3.93 -11.03
CA THR A 86 21.97 -3.38 -12.34
C THR A 86 21.05 -4.40 -13.01
N LEU A 87 21.43 -5.66 -13.02
CA LEU A 87 20.57 -6.68 -13.69
C LEU A 87 19.24 -6.79 -12.94
N LYS A 88 19.23 -6.57 -11.64
CA LYS A 88 17.99 -6.64 -10.85
C LYS A 88 17.08 -5.49 -11.28
N GLU A 89 17.62 -4.29 -11.48
CA GLU A 89 16.85 -3.13 -12.00
C GLU A 89 16.34 -3.39 -13.43
N MET A 90 17.02 -4.17 -14.26
CA MET A 90 16.49 -4.50 -15.59
C MET A 90 15.51 -5.67 -15.52
N GLN A 91 15.13 -6.12 -14.31
CA GLN A 91 14.20 -7.26 -14.06
C GLN A 91 14.81 -8.61 -14.43
N ASP A 92 16.13 -8.73 -14.47
CA ASP A 92 16.82 -9.99 -14.83
C ASP A 92 17.28 -10.63 -13.53
N VAL A 93 16.34 -11.26 -12.84
CA VAL A 93 16.55 -11.84 -11.48
C VAL A 93 17.55 -12.99 -11.59
N GLN A 94 17.45 -13.84 -12.60
CA GLN A 94 18.44 -14.93 -12.82
C GLN A 94 19.87 -14.36 -12.98
N GLY A 95 20.07 -13.27 -13.74
CA GLY A 95 21.38 -12.62 -13.93
C GLY A 95 21.85 -12.01 -12.62
N ALA A 96 20.94 -11.42 -11.88
CA ALA A 96 21.24 -10.77 -10.57
C ALA A 96 21.80 -11.82 -9.61
N LEU A 97 21.18 -13.01 -9.56
CA LEU A 97 21.60 -14.08 -8.65
C LEU A 97 22.96 -14.65 -9.08
N GLN A 98 23.17 -14.82 -10.38
CA GLN A 98 24.42 -15.35 -10.94
C GLN A 98 25.54 -14.41 -10.53
N CYS A 99 25.30 -13.11 -10.50
CA CYS A 99 26.35 -12.12 -10.15
C CYS A 99 26.58 -12.11 -8.63
N TYR A 100 25.53 -12.01 -7.83
CA TYR A 100 25.66 -11.99 -6.36
C TYR A 100 26.40 -13.24 -5.88
N THR A 101 25.99 -14.40 -6.37
CA THR A 101 26.52 -15.68 -5.92
C THR A 101 27.96 -15.79 -6.38
N ARG A 102 28.26 -15.24 -7.56
CA ARG A 102 29.66 -15.23 -8.06
C ARG A 102 30.48 -14.29 -7.16
N ALA A 103 29.93 -13.15 -6.75
CA ALA A 103 30.68 -12.24 -5.84
C ALA A 103 30.95 -12.94 -4.50
N ILE A 104 30.03 -13.74 -4.01
CA ILE A 104 30.20 -14.39 -2.68
C ILE A 104 31.16 -15.58 -2.87
N GLN A 105 31.16 -16.24 -4.02
CA GLN A 105 32.12 -17.35 -4.30
C GLN A 105 33.54 -16.76 -4.31
N ILE A 106 33.74 -15.59 -4.90
CA ILE A 106 35.07 -14.93 -4.97
C ILE A 106 35.53 -14.54 -3.57
N ASN A 107 34.67 -13.89 -2.80
CA ASN A 107 35.00 -13.40 -1.44
C ASN A 107 33.83 -13.67 -0.48
N PRO A 108 33.79 -14.85 0.16
CA PRO A 108 32.71 -15.19 1.08
C PRO A 108 32.52 -14.21 2.26
N ALA A 109 33.45 -13.29 2.46
CA ALA A 109 33.43 -12.30 3.56
C ALA A 109 32.97 -10.93 3.07
N PHE A 110 32.40 -10.88 1.89
CA PHE A 110 32.04 -9.58 1.26
C PHE A 110 30.61 -9.24 1.70
N ALA A 111 30.49 -8.40 2.73
CA ALA A 111 29.21 -8.17 3.46
C ALA A 111 28.16 -7.58 2.51
N ASP A 112 28.54 -6.62 1.68
CA ASP A 112 27.61 -5.92 0.74
C ASP A 112 26.95 -6.95 -0.18
N ALA A 113 27.70 -7.96 -0.64
CA ALA A 113 27.16 -8.96 -1.59
C ALA A 113 26.09 -9.76 -0.86
N HIS A 114 26.38 -10.14 0.37
CA HIS A 114 25.44 -10.95 1.17
C HIS A 114 24.16 -10.12 1.36
N SER A 115 24.29 -8.83 1.59
CA SER A 115 23.15 -7.91 1.80
C SER A 115 22.36 -7.80 0.49
N ASN A 116 23.03 -7.62 -0.65
CA ASN A 116 22.36 -7.54 -1.96
C ASN A 116 21.64 -8.86 -2.20
N LEU A 117 22.29 -9.98 -1.91
CA LEU A 117 21.60 -11.28 -2.15
C LEU A 117 20.37 -11.35 -1.24
N ALA A 118 20.46 -10.88 0.00
CA ALA A 118 19.36 -11.01 0.99
C ALA A 118 18.15 -10.30 0.40
N SER A 119 18.44 -9.13 -0.12
CA SER A 119 17.42 -8.26 -0.68
C SER A 119 16.70 -8.98 -1.84
N ILE A 120 17.37 -9.80 -2.64
CA ILE A 120 16.66 -10.45 -3.77
C ILE A 120 15.88 -11.67 -3.25
N HIS A 121 16.35 -12.31 -2.20
CA HIS A 121 15.54 -13.34 -1.53
C HIS A 121 14.20 -12.77 -1.02
N LYS A 122 14.26 -11.63 -0.34
CA LYS A 122 13.10 -10.94 0.24
C LYS A 122 12.11 -10.59 -0.89
N ASP A 123 12.59 -9.89 -1.91
CA ASP A 123 11.74 -9.55 -3.07
C ASP A 123 11.09 -10.78 -3.70
N SER A 124 11.73 -11.95 -3.64
CA SER A 124 11.22 -13.21 -4.25
C SER A 124 10.23 -13.91 -3.30
N GLY A 125 9.96 -13.38 -2.09
CA GLY A 125 9.13 -14.04 -1.06
C GLY A 125 9.85 -15.16 -0.33
N ASN A 126 11.18 -15.10 -0.29
CA ASN A 126 11.96 -16.08 0.51
C ASN A 126 12.51 -15.34 1.76
N ILE A 127 11.64 -15.01 2.71
CA ILE A 127 12.02 -14.17 3.88
C ILE A 127 13.02 -14.93 4.75
N PRO A 128 12.89 -16.24 5.00
CA PRO A 128 13.87 -16.92 5.82
C PRO A 128 15.29 -16.89 5.22
N GLU A 129 15.46 -17.00 3.89
CA GLU A 129 16.84 -16.86 3.33
C GLU A 129 17.29 -15.40 3.43
N ALA A 130 16.41 -14.44 3.21
CA ALA A 130 16.83 -13.03 3.26
C ALA A 130 17.36 -12.76 4.67
N ILE A 131 16.64 -13.28 5.67
CA ILE A 131 17.04 -13.07 7.10
C ILE A 131 18.43 -13.67 7.29
N ALA A 132 18.62 -14.93 6.91
CA ALA A 132 19.91 -15.65 6.99
C ALA A 132 21.05 -14.87 6.32
N SER A 133 20.84 -14.30 5.12
CA SER A 133 21.89 -13.59 4.36
C SER A 133 22.12 -12.23 5.04
N TYR A 134 21.06 -11.59 5.58
CA TYR A 134 21.26 -10.26 6.21
C TYR A 134 22.12 -10.48 7.47
N ARG A 135 21.93 -11.59 8.16
CA ARG A 135 22.66 -11.90 9.42
C ARG A 135 24.11 -12.26 9.12
N THR A 136 24.37 -13.03 8.06
CA THR A 136 25.75 -13.21 7.52
C THR A 136 26.37 -11.85 7.27
N ALA A 137 25.66 -10.97 6.58
CA ALA A 137 26.22 -9.64 6.27
C ALA A 137 26.61 -8.99 7.58
N LEU A 138 25.75 -9.04 8.60
CA LEU A 138 25.96 -8.26 9.86
C LEU A 138 27.06 -8.91 10.71
N LYS A 139 27.19 -10.23 10.63
CA LYS A 139 28.30 -10.99 11.24
C LYS A 139 29.62 -10.52 10.62
N LEU A 140 29.71 -10.30 9.31
CA LEU A 140 30.96 -9.88 8.62
C LEU A 140 31.22 -8.40 8.86
N LYS A 141 30.18 -7.59 8.91
CA LYS A 141 30.32 -6.13 9.08
C LYS A 141 29.29 -5.64 10.09
N PRO A 142 29.60 -5.64 11.42
CA PRO A 142 28.57 -5.37 12.44
C PRO A 142 28.00 -3.96 12.33
N ASP A 143 28.73 -2.98 11.79
CA ASP A 143 28.20 -1.61 11.55
C ASP A 143 27.81 -1.50 10.07
N PHE A 144 26.55 -1.81 9.78
CA PHE A 144 26.00 -1.93 8.40
C PHE A 144 24.53 -1.55 8.47
N PRO A 145 24.26 -0.24 8.55
CA PRO A 145 22.89 0.24 8.75
C PRO A 145 21.90 -0.39 7.77
N ASP A 146 22.20 -0.36 6.47
CA ASP A 146 21.30 -0.87 5.40
C ASP A 146 20.91 -2.33 5.72
N ALA A 147 21.87 -3.19 6.01
CA ALA A 147 21.57 -4.60 6.33
C ALA A 147 20.75 -4.67 7.63
N TYR A 148 21.05 -3.83 8.62
CA TYR A 148 20.38 -3.92 9.95
C TYR A 148 18.90 -3.53 9.79
N CYS A 149 18.64 -2.42 9.13
CA CYS A 149 17.27 -1.90 8.91
C CYS A 149 16.49 -2.79 7.94
N ASN A 150 17.13 -3.28 6.87
CA ASN A 150 16.44 -4.17 5.94
C ASN A 150 16.12 -5.43 6.75
N LEU A 151 17.04 -5.89 7.59
CA LEU A 151 16.75 -7.09 8.42
C LEU A 151 15.56 -6.81 9.39
N ALA A 152 15.53 -5.66 10.06
CA ALA A 152 14.43 -5.25 10.98
C ALA A 152 13.12 -5.33 10.19
N HIS A 153 13.09 -4.85 8.93
CA HIS A 153 11.89 -4.97 8.08
C HIS A 153 11.53 -6.46 7.82
N CYS A 154 12.50 -7.33 7.52
CA CYS A 154 12.14 -8.77 7.33
C CYS A 154 11.51 -9.31 8.60
N LEU A 155 12.09 -8.98 9.76
CA LEU A 155 11.64 -9.55 11.04
C LEU A 155 10.22 -8.99 11.32
N GLN A 156 9.97 -7.74 11.00
CA GLN A 156 8.61 -7.12 11.08
C GLN A 156 7.59 -7.95 10.27
N ILE A 157 7.93 -8.25 9.03
CA ILE A 157 7.04 -8.94 8.07
C ILE A 157 6.59 -10.29 8.64
N VAL A 158 7.46 -10.99 9.33
CA VAL A 158 7.12 -12.34 9.84
C VAL A 158 6.80 -12.25 11.35
N CYS A 159 6.66 -11.05 11.92
CA CYS A 159 6.32 -10.87 13.37
C CYS A 159 7.33 -11.62 14.23
N ASP A 160 8.59 -11.53 13.83
CA ASP A 160 9.67 -11.96 14.72
C ASP A 160 10.01 -10.76 15.64
N TRP A 161 9.80 -10.92 16.94
CA TRP A 161 9.86 -9.82 17.93
C TRP A 161 10.96 -10.09 18.96
N THR A 162 11.78 -11.13 18.77
CA THR A 162 13.07 -11.29 19.49
C THR A 162 13.72 -9.92 19.71
N ASP A 163 13.97 -9.56 20.98
CA ASP A 163 14.68 -8.32 21.39
C ASP A 163 14.05 -7.09 20.74
N TYR A 164 12.71 -7.06 20.69
CA TYR A 164 11.97 -6.04 19.92
C TYR A 164 12.39 -4.65 20.37
N ASP A 165 12.37 -4.37 21.69
CA ASP A 165 12.53 -3.01 22.28
C ASP A 165 13.92 -2.45 21.98
N GLU A 166 14.93 -3.32 22.09
CA GLU A 166 16.36 -3.10 21.73
C GLU A 166 16.51 -2.79 20.23
N ARG A 167 15.95 -3.66 19.37
CA ARG A 167 15.92 -3.47 17.89
C ARG A 167 15.33 -2.11 17.58
N MET A 168 14.21 -1.80 18.22
CA MET A 168 13.52 -0.52 17.99
C MET A 168 14.51 0.61 18.35
N LYS A 169 15.15 0.54 19.52
CA LYS A 169 16.10 1.61 19.98
C LYS A 169 17.22 1.76 18.96
N LYS A 170 17.72 0.61 18.51
CA LYS A 170 18.86 0.61 17.58
C LYS A 170 18.45 1.23 16.24
N LEU A 171 17.26 0.93 15.72
CA LEU A 171 16.79 1.62 14.48
C LEU A 171 16.83 3.13 14.69
N VAL A 172 16.34 3.59 15.84
CA VAL A 172 16.20 5.05 16.06
C VAL A 172 17.61 5.66 16.05
N SER A 173 18.54 5.06 16.79
CA SER A 173 19.89 5.65 17.01
C SER A 173 20.66 5.61 15.70
N ILE A 174 20.45 4.57 14.88
CA ILE A 174 21.05 4.51 13.51
C ILE A 174 20.54 5.69 12.71
N VAL A 175 19.23 5.96 12.75
CA VAL A 175 18.64 7.05 11.93
C VAL A 175 19.16 8.39 12.44
N ALA A 176 19.14 8.63 13.76
CA ALA A 176 19.70 9.85 14.40
C ALA A 176 21.10 10.08 13.80
N ASP A 177 21.96 9.06 13.93
CA ASP A 177 23.40 9.09 13.55
C ASP A 177 23.51 9.40 12.06
N GLN A 178 22.65 8.83 11.21
CA GLN A 178 22.75 9.06 9.75
C GLN A 178 22.24 10.45 9.42
N LEU A 179 21.28 10.97 10.20
CA LEU A 179 20.64 12.30 10.01
C LEU A 179 21.64 13.40 10.37
N GLU A 180 22.32 13.28 11.52
CA GLU A 180 23.55 14.06 11.85
C GLU A 180 24.35 14.29 10.55
N LYS A 181 24.84 13.21 9.98
CA LYS A 181 25.96 13.20 9.00
C LYS A 181 25.45 13.24 7.56
N ASN A 182 24.31 13.88 7.28
CA ASN A 182 23.69 14.04 5.93
C ASN A 182 23.85 12.77 5.06
N ARG A 183 23.74 11.58 5.66
CA ARG A 183 23.69 10.28 4.92
C ARG A 183 22.22 9.98 4.61
N LEU A 184 21.95 9.36 3.46
CA LEU A 184 20.61 8.80 3.19
C LEU A 184 20.29 7.82 4.30
N PRO A 185 19.21 8.02 5.08
CA PRO A 185 18.84 7.03 6.10
C PRO A 185 18.50 5.64 5.51
N SER A 186 18.82 4.63 6.31
CA SER A 186 18.64 3.19 6.02
C SER A 186 17.19 2.77 6.24
N VAL A 187 16.42 3.53 7.02
CA VAL A 187 14.96 3.29 7.11
C VAL A 187 14.33 3.96 5.88
N HIS A 188 13.62 3.17 5.07
N HIS A 188 13.63 3.17 5.06
CA HIS A 188 12.90 3.69 3.87
CA HIS A 188 12.90 3.69 3.88
C HIS A 188 11.74 4.54 4.40
C HIS A 188 11.75 4.55 4.40
N PRO A 189 11.43 5.68 3.75
CA PRO A 189 10.33 6.53 4.20
C PRO A 189 9.03 5.77 4.49
N HIS A 190 8.73 4.78 3.63
CA HIS A 190 7.49 3.93 3.61
C HIS A 190 7.37 3.08 4.88
N HIS A 191 8.49 2.74 5.52
CA HIS A 191 8.54 1.88 6.74
C HIS A 191 8.62 2.72 8.00
N SER A 192 8.80 4.03 7.87
CA SER A 192 9.23 4.88 9.00
C SER A 192 8.10 5.00 10.02
N MET A 193 6.85 4.78 9.61
CA MET A 193 5.69 4.82 10.53
C MET A 193 5.67 3.59 11.45
N LEU A 194 6.44 2.54 11.14
CA LEU A 194 6.36 1.26 11.90
C LEU A 194 7.21 1.33 13.17
N TYR A 195 8.06 2.34 13.28
CA TYR A 195 9.14 2.38 14.29
C TYR A 195 8.98 3.63 15.13
N PRO A 196 9.36 3.56 16.42
CA PRO A 196 9.23 4.70 17.33
C PRO A 196 10.19 5.87 17.09
N LEU A 197 10.29 6.34 15.85
CA LEU A 197 11.01 7.57 15.45
C LEU A 197 10.18 8.79 15.87
N SER A 198 10.81 9.96 15.98
CA SER A 198 10.10 11.27 16.09
C SER A 198 9.48 11.62 14.73
N HIS A 199 8.54 12.58 14.71
CA HIS A 199 7.90 13.11 13.47
C HIS A 199 8.96 13.82 12.61
N GLY A 200 9.90 14.53 13.25
CA GLY A 200 11.07 15.18 12.61
C GLY A 200 11.91 14.16 11.86
N PHE A 201 12.19 13.02 12.48
CA PHE A 201 12.90 11.87 11.87
C PHE A 201 12.12 11.34 10.66
N ARG A 202 10.80 11.12 10.76
CA ARG A 202 9.96 10.66 9.60
C ARG A 202 10.01 11.70 8.48
N LYS A 203 9.67 12.95 8.81
CA LYS A 203 9.81 14.08 7.86
C LYS A 203 11.25 14.14 7.31
N ALA A 204 12.26 14.02 8.18
CA ALA A 204 13.69 14.14 7.76
C ALA A 204 14.02 12.99 6.79
N ILE A 205 13.57 11.77 7.10
CA ILE A 205 13.80 10.61 6.20
C ILE A 205 13.27 10.94 4.80
N ALA A 206 12.00 11.35 4.69
CA ALA A 206 11.35 11.65 3.40
C ALA A 206 12.06 12.83 2.73
N GLU A 207 12.41 13.88 3.49
CA GLU A 207 13.11 15.10 2.97
C GLU A 207 14.32 14.64 2.12
N ARG A 208 15.08 13.67 2.62
CA ARG A 208 16.36 13.23 2.00
C ARG A 208 16.16 12.36 0.76
N HIS A 209 15.00 11.71 0.59
CA HIS A 209 14.68 11.00 -0.68
C HIS A 209 14.19 12.01 -1.72
N GLY A 210 13.56 13.11 -1.28
CA GLY A 210 13.25 14.28 -2.12
C GLY A 210 14.53 14.90 -2.67
N ASN A 211 15.47 15.22 -1.78
CA ASN A 211 16.81 15.78 -2.10
C ASN A 211 17.50 14.95 -3.19
N LEU A 212 17.49 13.60 -3.07
CA LEU A 212 18.24 12.68 -3.99
C LEU A 212 17.63 12.68 -5.40
N CYS A 213 16.34 13.05 -5.54
CA CYS A 213 15.67 13.25 -6.85
C CYS A 213 16.17 14.55 -7.50
N LEU A 214 16.23 15.66 -6.74
CA LEU A 214 16.72 17.01 -7.16
C LEU A 214 18.18 16.91 -7.68
N ASP A 215 19.00 16.06 -7.06
CA ASP A 215 20.40 15.78 -7.53
C ASP A 215 20.33 15.09 -8.89
N LYS A 216 19.48 14.05 -9.04
CA LYS A 216 19.49 13.20 -10.27
C LYS A 216 19.08 14.02 -11.50
N ILE A 217 18.16 14.99 -11.34
CA ILE A 217 17.60 15.82 -12.47
C ILE A 217 18.51 16.99 -12.83
N ASN A 218 19.43 17.41 -11.94
CA ASN A 218 20.33 18.57 -12.21
C ASN A 218 21.26 18.27 -13.40
N VAL A 219 21.60 17.01 -13.71
CA VAL A 219 22.39 16.65 -14.94
C VAL A 219 21.64 17.14 -16.19
N LEU A 220 20.30 17.11 -16.17
CA LEU A 220 19.45 17.46 -17.35
C LEU A 220 19.55 18.98 -17.59
N HIS A 221 19.68 19.80 -16.53
CA HIS A 221 19.75 21.29 -16.58
C HIS A 221 18.46 21.83 -17.18
N LYS A 222 17.34 21.60 -16.49
CA LYS A 222 16.03 22.17 -16.90
C LYS A 222 15.97 23.61 -16.43
N PRO A 223 15.56 24.54 -17.32
CA PRO A 223 15.13 25.86 -16.86
C PRO A 223 13.80 25.68 -16.13
N PRO A 224 13.49 26.46 -15.06
CA PRO A 224 12.18 26.40 -14.43
C PRO A 224 11.15 26.52 -15.55
N TYR A 225 10.09 25.70 -15.53
CA TYR A 225 8.98 25.73 -16.52
C TYR A 225 8.13 26.98 -16.23
N GLU A 226 7.55 27.55 -17.30
CA GLU A 226 6.58 28.68 -17.23
C GLU A 226 5.16 28.11 -17.08
N HIS A 227 4.47 28.52 -16.01
CA HIS A 227 3.15 27.93 -15.60
C HIS A 227 2.00 28.87 -15.95
N PRO A 228 0.99 28.38 -16.72
CA PRO A 228 -0.22 29.17 -16.99
C PRO A 228 -0.75 29.80 -15.70
N LYS A 229 -1.23 31.03 -15.70
CA LYS A 229 -1.71 31.72 -14.45
C LYS A 229 -3.22 32.02 -14.56
N ASP A 230 -3.89 31.48 -15.59
CA ASP A 230 -5.37 31.50 -15.70
C ASP A 230 -5.82 30.32 -16.60
N LEU A 231 -7.14 30.15 -16.77
CA LEU A 231 -7.71 28.96 -17.46
C LEU A 231 -8.10 29.29 -18.91
N LYS A 232 -7.58 30.40 -19.45
CA LYS A 232 -7.88 30.88 -20.83
C LYS A 232 -7.49 29.85 -21.89
N LEU A 233 -6.30 29.25 -21.83
CA LEU A 233 -5.83 28.30 -22.89
C LEU A 233 -6.62 26.98 -22.86
N SER A 234 -7.31 26.69 -21.75
CA SER A 234 -7.93 25.38 -21.46
C SER A 234 -9.47 25.49 -21.48
N ASP A 235 -10.00 26.56 -22.09
CA ASP A 235 -11.45 26.89 -22.21
C ASP A 235 -12.15 26.90 -20.83
N GLY A 236 -11.49 27.42 -19.81
CA GLY A 236 -12.08 27.58 -18.47
C GLY A 236 -12.10 26.29 -17.65
N ARG A 237 -11.26 25.31 -18.00
CA ARG A 237 -11.18 23.99 -17.31
C ARG A 237 -9.84 23.90 -16.54
N LEU A 238 -9.87 23.51 -15.26
CA LEU A 238 -8.66 23.01 -14.53
C LEU A 238 -8.17 21.75 -15.23
N ARG A 239 -6.93 21.78 -15.72
CA ARG A 239 -6.20 20.60 -16.22
C ARG A 239 -5.55 19.92 -15.02
N VAL A 240 -6.06 18.72 -14.65
CA VAL A 240 -5.58 17.93 -13.48
C VAL A 240 -4.92 16.69 -14.03
N GLY A 241 -3.69 16.47 -13.57
CA GLY A 241 -2.88 15.32 -13.97
C GLY A 241 -2.70 14.41 -12.77
N TYR A 242 -3.09 13.15 -12.92
CA TYR A 242 -2.94 12.08 -11.89
C TYR A 242 -1.74 11.24 -12.31
N VAL A 243 -0.71 11.17 -11.48
CA VAL A 243 0.51 10.37 -11.80
C VAL A 243 0.56 9.15 -10.88
N SER A 244 0.65 7.97 -11.46
CA SER A 244 0.59 6.72 -10.67
C SER A 244 1.34 5.61 -11.37
N SER A 245 2.05 4.80 -10.58
CA SER A 245 2.55 3.49 -11.06
C SER A 245 1.45 2.43 -10.99
N ASP A 246 0.28 2.76 -10.44
CA ASP A 246 -0.73 1.78 -9.94
C ASP A 246 -2.04 1.82 -10.76
N PHE A 247 -2.03 2.35 -11.98
CA PHE A 247 -3.16 2.19 -12.93
C PHE A 247 -3.11 0.79 -13.51
N GLY A 248 -3.79 -0.11 -12.80
CA GLY A 248 -3.90 -1.55 -13.11
C GLY A 248 -4.39 -2.28 -11.87
N ASN A 249 -4.08 -3.56 -11.74
CA ASN A 249 -4.57 -4.35 -10.60
C ASN A 249 -3.69 -4.02 -9.40
N HIS A 250 -3.97 -2.89 -8.74
CA HIS A 250 -3.26 -2.38 -7.55
C HIS A 250 -4.29 -1.77 -6.64
N PRO A 251 -4.09 -1.82 -5.30
CA PRO A 251 -5.01 -1.18 -4.36
C PRO A 251 -5.47 0.22 -4.80
N THR A 252 -4.54 1.04 -5.29
CA THR A 252 -4.85 2.45 -5.65
C THR A 252 -6.00 2.48 -6.64
N SER A 253 -5.92 1.67 -7.68
CA SER A 253 -6.99 1.59 -8.70
C SER A 253 -8.27 1.08 -8.03
N HIS A 254 -8.17 0.15 -7.09
CA HIS A 254 -9.35 -0.39 -6.38
C HIS A 254 -9.98 0.73 -5.54
N LEU A 255 -9.25 1.79 -5.21
CA LEU A 255 -9.81 2.95 -4.50
C LEU A 255 -10.42 3.98 -5.45
N MET A 256 -9.69 4.36 -6.51
CA MET A 256 -9.96 5.62 -7.23
C MET A 256 -10.27 5.40 -8.70
N GLN A 257 -10.46 4.17 -9.20
CA GLN A 257 -10.63 4.00 -10.67
C GLN A 257 -11.85 4.75 -11.20
N SER A 258 -12.85 5.09 -10.37
CA SER A 258 -14.09 5.76 -10.86
C SER A 258 -13.87 7.28 -10.91
N ILE A 259 -12.87 7.79 -10.21
CA ILE A 259 -12.70 9.25 -9.99
C ILE A 259 -12.46 9.93 -11.33
N PRO A 260 -11.46 9.57 -12.16
CA PRO A 260 -11.25 10.24 -13.44
C PRO A 260 -12.53 10.47 -14.26
N GLY A 261 -13.35 9.45 -14.48
CA GLY A 261 -14.56 9.58 -15.33
C GLY A 261 -15.76 10.28 -14.67
N MET A 262 -15.74 10.49 -13.37
CA MET A 262 -16.75 11.32 -12.66
C MET A 262 -16.36 12.80 -12.60
N HIS A 263 -15.15 13.17 -13.02
CA HIS A 263 -14.76 14.61 -13.08
C HIS A 263 -15.72 15.35 -14.02
N ASN A 264 -16.07 16.57 -13.65
CA ASN A 264 -17.06 17.39 -14.38
C ASN A 264 -16.35 17.93 -15.61
N PRO A 265 -16.65 17.43 -16.82
CA PRO A 265 -15.88 17.89 -17.97
C PRO A 265 -16.11 19.36 -18.32
N ASP A 266 -17.19 19.99 -17.84
CA ASP A 266 -17.42 21.43 -18.07
C ASP A 266 -16.28 22.21 -17.41
N LYS A 267 -15.78 21.73 -16.27
CA LYS A 267 -14.78 22.49 -15.48
C LYS A 267 -13.44 21.77 -15.34
N PHE A 268 -13.32 20.50 -15.70
CA PHE A 268 -12.04 19.81 -15.49
C PHE A 268 -11.67 19.10 -16.74
N GLU A 269 -10.37 18.96 -16.94
CA GLU A 269 -9.82 18.14 -18.04
C GLU A 269 -8.79 17.25 -17.36
N VAL A 270 -8.98 15.94 -17.55
CA VAL A 270 -8.27 14.95 -16.72
C VAL A 270 -7.23 14.26 -17.57
N PHE A 271 -6.01 14.32 -17.05
CA PHE A 271 -4.85 13.62 -17.64
C PHE A 271 -4.43 12.53 -16.66
N CYS A 272 -4.39 11.30 -17.13
CA CYS A 272 -3.78 10.21 -16.34
C CYS A 272 -2.43 9.89 -16.99
N TYR A 273 -1.37 10.02 -16.19
CA TYR A 273 0.02 9.65 -16.49
C TYR A 273 0.34 8.32 -15.85
N ALA A 274 0.35 7.24 -16.63
CA ALA A 274 0.76 5.94 -16.07
C ALA A 274 2.30 5.87 -16.04
N LEU A 275 2.88 5.46 -14.91
CA LEU A 275 4.32 5.10 -14.81
C LEU A 275 4.52 3.60 -14.99
N SER A 276 3.47 2.82 -15.19
CA SER A 276 3.60 1.37 -15.41
C SER A 276 3.09 1.04 -16.79
N PRO A 277 3.61 0.00 -17.44
CA PRO A 277 2.97 -0.47 -18.67
C PRO A 277 1.62 -1.12 -18.36
N ASP A 278 0.87 -1.39 -19.42
CA ASP A 278 -0.52 -1.91 -19.38
C ASP A 278 -0.48 -3.37 -18.89
N ASP A 279 -1.12 -3.70 -17.76
CA ASP A 279 -1.06 -5.09 -17.25
C ASP A 279 -2.19 -5.89 -17.86
N GLY A 280 -2.97 -5.36 -18.79
CA GLY A 280 -4.06 -6.14 -19.40
C GLY A 280 -5.33 -6.12 -18.52
N THR A 281 -5.36 -5.45 -17.36
CA THR A 281 -6.57 -5.56 -16.48
C THR A 281 -7.65 -4.49 -16.78
N ASN A 282 -8.91 -4.84 -16.47
CA ASN A 282 -10.05 -3.89 -16.56
C ASN A 282 -9.74 -2.61 -15.79
N PHE A 283 -8.96 -2.65 -14.72
CA PHE A 283 -8.66 -1.39 -13.98
C PHE A 283 -7.95 -0.42 -14.93
N ARG A 284 -6.98 -0.90 -15.69
CA ARG A 284 -6.28 0.01 -16.61
C ARG A 284 -7.23 0.39 -17.74
N VAL A 285 -7.97 -0.55 -18.27
CA VAL A 285 -8.93 -0.28 -19.36
C VAL A 285 -9.86 0.84 -18.94
N LYS A 286 -10.37 0.82 -17.71
CA LYS A 286 -11.41 1.79 -17.27
C LYS A 286 -10.81 3.19 -17.23
N VAL A 287 -9.65 3.33 -16.60
CA VAL A 287 -9.01 4.66 -16.44
C VAL A 287 -8.55 5.16 -17.82
N MET A 288 -8.22 4.28 -18.74
CA MET A 288 -7.77 4.74 -20.06
C MET A 288 -9.00 5.23 -20.79
N ALA A 289 -10.13 4.53 -20.63
CA ALA A 289 -11.38 4.82 -21.36
C ALA A 289 -11.98 6.12 -20.84
N GLU A 290 -11.84 6.44 -19.56
CA GLU A 290 -12.69 7.46 -18.93
C GLU A 290 -11.90 8.75 -18.67
N ALA A 291 -10.59 8.68 -18.59
CA ALA A 291 -9.79 9.91 -18.46
C ALA A 291 -9.93 10.67 -19.79
N ASN A 292 -9.95 11.99 -19.73
CA ASN A 292 -9.97 12.81 -20.98
C ASN A 292 -8.73 12.44 -21.79
N HIS A 293 -7.57 12.36 -21.14
CA HIS A 293 -6.29 11.97 -21.81
C HIS A 293 -5.56 10.95 -20.94
N PHE A 294 -5.09 9.86 -21.55
CA PHE A 294 -4.23 8.87 -20.89
C PHE A 294 -2.85 8.79 -21.60
N ILE A 295 -1.79 9.03 -20.85
CA ILE A 295 -0.37 9.04 -21.29
C ILE A 295 0.40 7.93 -20.59
N ASP A 296 0.98 7.02 -21.35
CA ASP A 296 1.86 5.95 -20.83
C ASP A 296 3.29 6.50 -20.74
N LEU A 297 3.66 7.13 -19.62
CA LEU A 297 5.05 7.57 -19.34
C LEU A 297 6.01 6.39 -19.15
N SER A 298 5.54 5.15 -19.03
CA SER A 298 6.46 3.97 -18.94
C SER A 298 7.17 3.80 -20.29
N GLN A 299 6.61 4.38 -21.36
CA GLN A 299 7.17 4.42 -22.73
C GLN A 299 8.10 5.64 -22.90
N ILE A 300 8.23 6.48 -21.87
CA ILE A 300 9.06 7.73 -21.89
C ILE A 300 9.99 7.71 -20.69
N PRO A 301 10.87 6.69 -20.61
CA PRO A 301 11.77 6.48 -19.48
C PRO A 301 12.62 7.68 -19.04
N CYS A 302 13.21 8.47 -19.95
CA CYS A 302 13.89 9.73 -19.53
C CYS A 302 12.86 10.67 -18.88
N ASN A 303 13.16 11.08 -17.65
CA ASN A 303 12.32 11.98 -16.79
C ASN A 303 12.27 13.40 -17.35
N GLY A 304 13.34 13.86 -18.02
CA GLY A 304 13.36 15.19 -18.67
C GLY A 304 12.30 15.28 -19.74
N LYS A 305 12.30 14.34 -20.68
CA LYS A 305 11.33 14.26 -21.81
C LYS A 305 9.93 13.90 -21.32
N ALA A 306 9.81 13.22 -20.18
CA ALA A 306 8.53 12.84 -19.54
C ALA A 306 7.93 14.06 -18.83
N ALA A 307 8.72 14.86 -18.10
CA ALA A 307 8.20 16.12 -17.50
C ALA A 307 7.89 17.15 -18.59
N ASP A 308 8.47 16.97 -19.79
CA ASP A 308 8.21 17.87 -20.96
C ASP A 308 6.79 17.54 -21.42
N ARG A 309 6.57 16.24 -21.56
CA ARG A 309 5.32 15.63 -22.06
C ARG A 309 4.15 16.14 -21.20
N ILE A 310 4.41 16.54 -19.94
CA ILE A 310 3.41 17.00 -18.92
C ILE A 310 3.23 18.50 -19.04
N HIS A 311 4.30 19.25 -19.28
CA HIS A 311 4.25 20.74 -19.38
C HIS A 311 3.44 21.16 -20.62
N GLN A 312 3.59 20.40 -21.72
CA GLN A 312 2.92 20.66 -23.03
C GLN A 312 1.46 20.15 -23.04
N ASP A 313 1.05 19.42 -21.99
CA ASP A 313 -0.37 19.05 -21.76
C ASP A 313 -1.04 20.27 -21.10
N GLY A 314 -0.27 21.08 -20.37
CA GLY A 314 -0.77 22.34 -19.78
C GLY A 314 -1.32 22.16 -18.37
N ILE A 315 -0.98 21.03 -17.73
CA ILE A 315 -1.44 20.68 -16.34
C ILE A 315 -1.34 21.90 -15.39
N HIS A 316 -2.40 22.17 -14.63
CA HIS A 316 -2.46 23.16 -13.53
C HIS A 316 -2.20 22.49 -12.17
N ILE A 317 -2.74 21.29 -11.96
CA ILE A 317 -2.56 20.50 -10.70
C ILE A 317 -2.05 19.12 -11.09
N LEU A 318 -0.80 18.85 -10.70
CA LEU A 318 -0.19 17.51 -10.89
C LEU A 318 -0.31 16.76 -9.56
N VAL A 319 -0.96 15.60 -9.63
CA VAL A 319 -1.26 14.80 -8.41
C VAL A 319 -0.38 13.56 -8.41
N ASN A 320 0.37 13.46 -7.30
CA ASN A 320 1.35 12.41 -7.01
C ASN A 320 0.67 11.37 -6.14
N MET A 321 0.39 10.23 -6.73
CA MET A 321 -0.30 9.10 -6.08
C MET A 321 0.69 8.00 -5.64
N ASN A 322 1.99 8.23 -5.67
CA ASN A 322 2.93 7.11 -5.41
C ASN A 322 3.55 7.25 -4.01
N GLY A 323 4.08 8.42 -3.67
CA GLY A 323 5.11 8.45 -2.60
C GLY A 323 6.33 7.55 -2.88
N TYR A 324 7.18 7.31 -1.89
CA TYR A 324 8.39 6.48 -2.08
C TYR A 324 7.90 5.04 -2.10
N THR A 325 7.60 4.54 -3.29
CA THR A 325 7.04 3.19 -3.53
C THR A 325 7.72 2.58 -4.76
N LYS A 326 7.35 1.33 -5.02
CA LYS A 326 7.59 0.56 -6.27
C LYS A 326 7.23 1.43 -7.49
N GLY A 327 8.23 1.93 -8.23
CA GLY A 327 8.04 2.47 -9.60
C GLY A 327 7.66 3.95 -9.63
N ALA A 328 7.74 4.65 -8.50
CA ALA A 328 7.62 6.12 -8.42
C ALA A 328 8.70 6.78 -9.27
N ARG A 329 8.37 7.96 -9.77
CA ARG A 329 9.33 8.80 -10.52
C ARG A 329 9.09 10.22 -10.02
N TYR A 330 9.55 10.49 -8.79
CA TYR A 330 9.51 11.81 -8.13
C TYR A 330 10.38 12.83 -8.91
N GLU A 331 11.33 12.33 -9.71
CA GLU A 331 12.11 13.15 -10.66
C GLU A 331 11.10 14.01 -11.45
N LEU A 332 10.03 13.41 -11.99
CA LEU A 332 8.94 14.14 -12.69
C LEU A 332 8.46 15.31 -11.85
N PHE A 333 8.28 15.19 -10.53
CA PHE A 333 7.72 16.31 -9.72
C PHE A 333 8.80 17.30 -9.26
N ALA A 334 10.07 16.87 -9.20
CA ALA A 334 11.22 17.72 -8.79
C ALA A 334 11.41 18.83 -9.83
N LEU A 335 11.31 18.46 -11.11
CA LEU A 335 11.33 19.33 -12.31
C LEU A 335 10.12 20.29 -12.36
N ARG A 336 9.29 20.35 -11.29
CA ARG A 336 8.00 21.10 -11.18
C ARG A 336 7.35 21.46 -12.53
N PRO A 337 6.78 20.52 -13.33
CA PRO A 337 6.23 20.85 -14.63
C PRO A 337 4.81 21.44 -14.55
N ALA A 338 4.40 21.85 -13.36
CA ALA A 338 3.08 22.42 -13.12
C ALA A 338 3.14 23.19 -11.82
N PRO A 339 2.28 24.22 -11.71
CA PRO A 339 2.30 25.15 -10.58
C PRO A 339 1.76 24.68 -9.24
N ILE A 340 0.93 23.64 -9.28
CA ILE A 340 0.42 23.03 -8.04
C ILE A 340 0.68 21.55 -8.16
N GLN A 341 1.28 20.99 -7.11
CA GLN A 341 1.72 19.58 -7.05
C GLN A 341 1.17 19.06 -5.73
N ALA A 342 0.31 18.05 -5.78
CA ALA A 342 -0.31 17.53 -4.55
C ALA A 342 -0.17 16.00 -4.48
N MET A 343 0.14 15.60 -3.25
CA MET A 343 0.16 14.23 -2.69
C MET A 343 -1.29 13.81 -2.47
N TRP A 344 -1.70 12.69 -3.07
CA TRP A 344 -3.08 12.17 -2.92
C TRP A 344 -3.13 10.64 -2.95
N LEU A 345 -3.48 10.05 -1.80
CA LEU A 345 -4.26 8.80 -1.64
C LEU A 345 -3.32 7.60 -1.64
N GLY A 346 -2.34 7.61 -2.52
CA GLY A 346 -1.43 6.48 -2.71
C GLY A 346 -0.49 6.33 -1.54
N TYR A 347 0.07 7.40 -1.02
CA TYR A 347 1.15 7.28 -0.01
C TYR A 347 0.67 7.79 1.34
N PRO A 348 0.70 6.97 2.40
CA PRO A 348 0.20 7.39 3.71
C PRO A 348 1.27 8.08 4.53
N GLY A 349 1.92 9.11 3.96
CA GLY A 349 2.85 9.96 4.71
C GLY A 349 3.21 11.24 3.98
N THR A 350 4.08 12.04 4.59
CA THR A 350 4.62 13.25 3.95
C THR A 350 5.71 12.88 2.97
N SER A 351 5.71 13.53 1.80
CA SER A 351 6.78 13.44 0.76
C SER A 351 8.10 13.97 1.31
N GLY A 352 8.02 14.81 2.36
CA GLY A 352 9.14 15.61 2.88
C GLY A 352 9.75 16.55 1.83
N ALA A 353 9.21 16.63 0.62
CA ALA A 353 9.76 17.44 -0.50
C ALA A 353 9.17 18.86 -0.47
N LEU A 354 10.00 19.82 -0.88
CA LEU A 354 9.60 21.24 -0.98
C LEU A 354 8.82 21.39 -2.28
N PHE A 355 9.09 20.51 -3.28
CA PHE A 355 8.50 20.56 -4.64
C PHE A 355 7.10 19.93 -4.66
N MET A 356 6.60 19.39 -3.54
CA MET A 356 5.15 19.05 -3.39
C MET A 356 4.53 20.15 -2.50
N ASP A 357 3.42 20.75 -2.94
CA ASP A 357 2.83 21.96 -2.29
C ASP A 357 1.83 21.55 -1.23
N TYR A 358 0.99 20.56 -1.54
CA TYR A 358 -0.14 20.15 -0.68
C TYR A 358 -0.15 18.64 -0.47
N ILE A 359 -0.70 18.21 0.67
CA ILE A 359 -1.13 16.81 0.88
C ILE A 359 -2.65 16.80 1.04
N ILE A 360 -3.35 16.05 0.19
CA ILE A 360 -4.82 15.94 0.33
C ILE A 360 -5.07 14.93 1.45
N THR A 361 -5.67 15.42 2.51
CA THR A 361 -5.87 14.69 3.76
C THR A 361 -7.17 15.21 4.33
N ASP A 362 -7.37 15.04 5.62
CA ASP A 362 -8.59 15.47 6.32
C ASP A 362 -8.25 15.68 7.79
N GLN A 363 -9.20 16.25 8.50
CA GLN A 363 -9.01 16.79 9.85
C GLN A 363 -8.83 15.67 10.86
N GLU A 364 -9.50 14.53 10.68
CA GLU A 364 -9.30 13.36 11.58
C GLU A 364 -7.93 12.70 11.29
N THR A 365 -7.50 12.66 10.04
CA THR A 365 -6.28 11.91 9.62
C THR A 365 -5.05 12.72 10.05
N SER A 366 -5.12 14.01 9.79
CA SER A 366 -4.02 14.99 9.95
C SER A 366 -4.59 16.22 10.64
N PRO A 367 -4.85 16.20 11.96
CA PRO A 367 -5.28 17.42 12.66
C PRO A 367 -4.25 18.55 12.57
N ALA A 368 -4.67 19.82 12.65
CA ALA A 368 -3.77 21.00 12.45
C ALA A 368 -2.60 20.97 13.45
N GLU A 369 -2.85 20.62 14.72
CA GLU A 369 -1.82 20.50 15.79
C GLU A 369 -0.61 19.66 15.35
N VAL A 370 -0.68 18.85 14.28
CA VAL A 370 0.48 18.03 13.79
C VAL A 370 0.88 18.47 12.37
N ALA A 371 0.50 19.67 11.95
CA ALA A 371 0.79 20.24 10.60
C ALA A 371 2.30 20.31 10.29
N GLU A 372 3.18 20.30 11.30
CA GLU A 372 4.66 20.40 11.06
C GLU A 372 5.28 18.99 10.97
N GLN A 373 4.54 17.93 11.36
CA GLN A 373 4.80 16.52 10.95
C GLN A 373 4.91 16.42 9.39
N TYR A 374 4.41 17.40 8.60
CA TYR A 374 4.39 17.35 7.11
C TYR A 374 5.20 18.51 6.50
N SER A 375 5.87 18.24 5.37
CA SER A 375 6.56 19.25 4.52
C SER A 375 5.51 20.05 3.72
N GLU A 376 4.40 19.40 3.39
CA GLU A 376 3.33 19.95 2.53
C GLU A 376 2.39 20.75 3.41
N LYS A 377 1.58 21.62 2.77
CA LYS A 377 0.41 22.25 3.41
C LYS A 377 -0.73 21.24 3.38
N LEU A 378 -1.47 21.16 4.48
CA LEU A 378 -2.70 20.35 4.63
C LEU A 378 -3.80 20.95 3.72
N ALA A 379 -4.33 20.13 2.80
CA ALA A 379 -5.52 20.43 1.99
C ALA A 379 -6.62 19.45 2.42
N TYR A 380 -7.53 19.93 3.27
CA TYR A 380 -8.59 19.12 3.89
C TYR A 380 -9.69 18.83 2.87
N MET A 381 -10.06 17.54 2.75
CA MET A 381 -11.38 17.08 2.25
C MET A 381 -12.35 17.21 3.41
N PRO A 382 -13.64 17.46 3.13
CA PRO A 382 -14.57 17.72 4.23
C PRO A 382 -14.92 16.50 5.08
N HIS A 383 -14.78 15.28 4.56
CA HIS A 383 -15.17 14.04 5.28
C HIS A 383 -13.89 13.26 5.54
N THR A 384 -13.57 12.26 4.72
CA THR A 384 -12.24 11.62 4.82
C THR A 384 -11.60 11.84 3.46
N PHE A 385 -10.28 11.80 3.43
CA PHE A 385 -9.57 11.83 2.14
C PHE A 385 -9.64 10.43 1.51
N PHE A 386 -9.95 9.44 2.33
CA PHE A 386 -10.02 8.03 1.87
C PHE A 386 -11.26 7.85 1.03
N ILE A 387 -11.09 7.08 -0.03
CA ILE A 387 -12.18 6.64 -0.91
C ILE A 387 -11.98 5.17 -1.28
N GLY A 388 -13.06 4.53 -1.73
CA GLY A 388 -13.07 3.12 -2.15
C GLY A 388 -13.98 2.94 -3.34
N ASP A 389 -13.59 2.10 -4.29
CA ASP A 389 -14.45 1.86 -5.48
C ASP A 389 -15.43 0.69 -5.22
N HIS A 390 -15.69 0.32 -3.97
CA HIS A 390 -16.47 -0.90 -3.62
C HIS A 390 -17.89 -0.86 -4.18
N ALA A 391 -18.56 0.29 -4.19
CA ALA A 391 -19.97 0.33 -4.61
C ALA A 391 -20.01 -0.09 -6.08
N ASN A 392 -18.96 0.22 -6.84
CA ASN A 392 -18.87 -0.13 -8.28
C ASN A 392 -18.31 -1.55 -8.41
N MET A 393 -17.33 -1.94 -7.62
CA MET A 393 -16.61 -3.21 -7.85
C MET A 393 -17.40 -4.38 -7.27
N PHE A 394 -18.04 -4.19 -6.12
CA PHE A 394 -18.73 -5.28 -5.40
C PHE A 394 -20.17 -4.93 -5.06
N PRO A 395 -21.01 -4.62 -6.06
CA PRO A 395 -22.40 -4.23 -5.83
C PRO A 395 -23.23 -5.43 -5.37
N HIS A 396 -22.73 -6.66 -5.61
CA HIS A 396 -23.41 -7.90 -5.17
C HIS A 396 -23.35 -8.00 -3.64
N LEU A 397 -22.49 -7.21 -2.97
CA LEU A 397 -22.44 -7.22 -1.50
C LEU A 397 -23.32 -6.12 -0.92
N LYS A 398 -24.11 -5.41 -1.72
CA LYS A 398 -24.93 -4.28 -1.16
C LYS A 398 -26.02 -4.94 -0.32
N LYS A 399 -26.48 -6.12 -0.71
CA LYS A 399 -27.48 -6.92 0.01
C LYS A 399 -26.99 -8.33 0.25
N LYS A 400 -27.61 -9.01 1.21
CA LYS A 400 -27.30 -10.43 1.47
C LYS A 400 -28.57 -11.10 1.96
N ALA A 401 -28.52 -12.41 1.93
CA ALA A 401 -29.47 -13.33 2.56
C ALA A 401 -28.65 -14.32 3.37
N VAL A 402 -29.32 -14.98 4.31
CA VAL A 402 -28.71 -16.05 5.13
C VAL A 402 -29.57 -17.29 5.14
N ILE A 403 -28.93 -18.42 5.43
CA ILE A 403 -29.60 -19.72 5.64
C ILE A 403 -29.67 -19.97 7.15
N ASP A 404 -30.87 -20.20 7.69
CA ASP A 404 -31.06 -20.53 9.13
C ASP A 404 -30.78 -22.03 9.34
N PHE A 405 -29.54 -22.38 9.71
CA PHE A 405 -28.97 -23.75 9.90
C PHE A 405 -29.69 -24.58 11.00
N LYS A 406 -30.18 -23.96 12.09
CA LYS A 406 -30.79 -24.64 13.26
C LYS A 406 -32.31 -24.83 13.06
N ILE A 411 -31.21 -16.56 14.99
CA ILE A 411 -30.90 -16.23 13.56
C ILE A 411 -29.65 -15.33 13.48
N TYR A 412 -28.66 -15.79 12.75
CA TYR A 412 -27.34 -15.13 12.65
C TYR A 412 -27.21 -14.47 11.27
N ASP A 413 -26.55 -13.32 11.22
CA ASP A 413 -26.32 -12.54 9.98
C ASP A 413 -25.01 -12.96 9.28
N ASN A 414 -24.26 -13.93 9.78
CA ASN A 414 -22.83 -14.07 9.39
C ASN A 414 -22.28 -15.48 9.56
N ARG A 415 -23.13 -16.49 9.40
CA ARG A 415 -22.68 -17.91 9.44
C ARG A 415 -22.71 -18.51 8.05
N ILE A 416 -23.83 -18.37 7.39
CA ILE A 416 -24.06 -18.85 6.00
C ILE A 416 -24.72 -17.70 5.27
N VAL A 417 -23.97 -17.18 4.31
CA VAL A 417 -24.33 -15.93 3.62
C VAL A 417 -24.40 -16.17 2.12
N LEU A 418 -25.42 -15.58 1.50
CA LEU A 418 -25.58 -15.56 0.04
C LEU A 418 -25.56 -14.10 -0.39
N ASN A 419 -24.98 -13.85 -1.54
CA ASN A 419 -24.84 -12.53 -2.20
C ASN A 419 -24.99 -12.73 -3.70
N GLY A 420 -25.79 -11.92 -4.35
CA GLY A 420 -25.83 -11.95 -5.82
C GLY A 420 -26.65 -10.85 -6.41
N ILE A 421 -26.29 -10.43 -7.61
CA ILE A 421 -27.12 -9.48 -8.40
C ILE A 421 -28.52 -10.06 -8.53
N ASP A 422 -28.67 -11.35 -8.81
CA ASP A 422 -30.02 -11.94 -8.98
C ASP A 422 -30.54 -12.61 -7.70
N LEU A 423 -30.09 -12.20 -6.51
CA LEU A 423 -30.47 -12.89 -5.25
C LEU A 423 -31.98 -12.72 -5.03
N LYS A 424 -32.51 -11.54 -5.26
CA LYS A 424 -33.95 -11.26 -5.04
C LYS A 424 -34.77 -12.24 -5.87
N ALA A 425 -34.35 -12.56 -7.09
CA ALA A 425 -35.16 -13.40 -7.98
C ALA A 425 -35.07 -14.84 -7.46
N PHE A 426 -33.91 -15.27 -6.97
CA PHE A 426 -33.75 -16.62 -6.44
C PHE A 426 -34.65 -16.79 -5.20
N LEU A 427 -34.50 -15.88 -4.25
CA LEU A 427 -35.29 -15.88 -2.99
C LEU A 427 -36.77 -16.02 -3.35
N ASP A 428 -37.25 -15.24 -4.33
CA ASP A 428 -38.69 -15.21 -4.71
C ASP A 428 -39.07 -16.54 -5.36
N SER A 429 -38.12 -17.31 -5.87
CA SER A 429 -38.43 -18.64 -6.43
C SER A 429 -38.72 -19.63 -5.29
N LEU A 430 -38.46 -19.27 -4.04
CA LEU A 430 -38.42 -20.25 -2.92
C LEU A 430 -39.70 -20.13 -2.10
N PRO A 431 -40.18 -21.27 -1.55
CA PRO A 431 -41.33 -21.26 -0.66
C PRO A 431 -40.86 -20.86 0.75
N ASP A 432 -41.66 -20.03 1.44
CA ASP A 432 -41.45 -19.69 2.88
C ASP A 432 -40.02 -19.16 3.05
N VAL A 433 -39.79 -17.93 2.61
CA VAL A 433 -38.62 -17.10 2.98
C VAL A 433 -39.10 -16.08 4.02
N LYS A 434 -38.36 -15.95 5.10
CA LYS A 434 -38.68 -14.98 6.18
C LYS A 434 -37.83 -13.73 5.98
N ILE A 435 -38.42 -12.58 6.18
CA ILE A 435 -37.69 -11.29 6.12
C ILE A 435 -37.49 -10.86 7.55
N VAL A 436 -36.27 -10.45 7.90
CA VAL A 436 -35.99 -9.86 9.23
C VAL A 436 -35.74 -8.38 9.01
N LYS A 437 -36.59 -7.50 9.54
CA LYS A 437 -36.28 -6.05 9.54
C LYS A 437 -35.00 -5.92 10.36
N MET A 438 -34.09 -5.07 9.89
CA MET A 438 -32.75 -4.93 10.51
C MET A 438 -32.83 -3.80 11.56
N LYS A 439 -32.11 -3.95 12.67
CA LYS A 439 -31.85 -2.86 13.64
C LYS A 439 -30.85 -1.88 13.02
N CYS A 440 -31.33 -0.99 12.13
CA CYS A 440 -30.56 0.11 11.47
C CYS A 440 -31.11 1.46 11.96
N PRO A 441 -30.27 2.53 12.07
CA PRO A 441 -30.72 3.84 12.56
C PRO A 441 -31.90 4.49 11.80
N LEU A 454 -32.10 -2.22 5.29
CA LEU A 454 -33.55 -2.30 5.65
C LEU A 454 -33.90 -3.75 6.10
N ASN A 455 -33.55 -4.80 5.34
CA ASN A 455 -34.00 -6.17 5.72
C ASN A 455 -33.11 -7.31 5.20
N MET A 456 -33.13 -8.40 5.97
CA MET A 456 -32.29 -9.57 5.70
C MET A 456 -33.18 -10.78 5.51
N PRO A 457 -33.31 -11.26 4.27
CA PRO A 457 -33.99 -12.51 4.00
C PRO A 457 -33.30 -13.71 4.66
N VAL A 458 -34.12 -14.57 5.23
CA VAL A 458 -33.68 -15.83 5.87
C VAL A 458 -34.31 -17.02 5.17
N ILE A 459 -33.46 -17.89 4.66
CA ILE A 459 -33.90 -19.17 4.07
C ILE A 459 -33.94 -20.20 5.18
N PRO A 460 -35.12 -20.81 5.44
CA PRO A 460 -35.25 -21.81 6.50
C PRO A 460 -34.54 -23.10 6.08
N MET A 461 -34.30 -23.98 7.05
CA MET A 461 -33.56 -25.26 6.85
C MET A 461 -34.44 -26.30 6.11
N ASN A 462 -34.59 -26.18 4.79
CA ASN A 462 -35.41 -27.08 3.93
C ASN A 462 -34.50 -27.89 3.02
N THR A 463 -35.09 -28.56 2.00
CA THR A 463 -34.39 -29.36 0.95
C THR A 463 -33.36 -28.46 0.27
N ILE A 464 -33.79 -27.24 -0.09
CA ILE A 464 -32.97 -26.19 -0.78
C ILE A 464 -31.74 -25.84 0.09
N ALA A 465 -31.98 -25.36 1.29
CA ALA A 465 -30.93 -25.05 2.29
C ALA A 465 -29.95 -26.20 2.43
N GLU A 466 -30.42 -27.45 2.44
CA GLU A 466 -29.56 -28.65 2.69
C GLU A 466 -28.61 -28.85 1.50
N ALA A 467 -29.16 -28.72 0.28
CA ALA A 467 -28.41 -28.82 -1.01
C ALA A 467 -27.23 -27.82 -1.02
N VAL A 468 -27.41 -26.62 -0.47
CA VAL A 468 -26.34 -25.58 -0.50
C VAL A 468 -25.23 -25.99 0.44
N ILE A 469 -25.61 -26.40 1.64
CA ILE A 469 -24.65 -26.77 2.71
C ILE A 469 -23.90 -28.02 2.25
N GLU A 470 -24.58 -28.91 1.53
CA GLU A 470 -23.96 -30.11 0.91
C GLU A 470 -22.84 -29.67 -0.05
N MET A 471 -23.15 -28.75 -0.96
CA MET A 471 -22.12 -28.28 -1.94
C MET A 471 -20.90 -27.74 -1.17
N ILE A 472 -21.11 -26.98 -0.10
CA ILE A 472 -19.97 -26.45 0.71
C ILE A 472 -19.17 -27.63 1.29
N ASN A 473 -19.84 -28.55 1.99
CA ASN A 473 -19.17 -29.68 2.72
C ASN A 473 -18.33 -30.47 1.72
N ARG A 474 -18.81 -30.70 0.49
CA ARG A 474 -18.06 -31.56 -0.47
C ARG A 474 -16.96 -30.80 -1.20
N GLY A 475 -16.85 -29.47 -1.08
CA GLY A 475 -15.85 -28.71 -1.87
C GLY A 475 -16.23 -28.69 -3.35
N GLN A 476 -17.54 -28.77 -3.59
CA GLN A 476 -18.14 -28.75 -4.95
C GLN A 476 -18.18 -27.29 -5.43
N ILE A 477 -18.05 -27.06 -6.73
CA ILE A 477 -17.72 -25.74 -7.30
C ILE A 477 -18.99 -24.91 -7.38
N GLN A 478 -20.10 -25.55 -7.71
CA GLN A 478 -21.39 -24.87 -7.94
C GLN A 478 -22.47 -25.93 -8.08
N ILE A 479 -23.72 -25.49 -7.94
CA ILE A 479 -24.95 -26.28 -8.24
C ILE A 479 -25.96 -25.30 -8.87
N THR A 480 -27.12 -25.84 -9.19
CA THR A 480 -28.23 -25.15 -9.83
C THR A 480 -29.46 -25.39 -8.98
N ILE A 481 -30.12 -24.35 -8.52
CA ILE A 481 -31.42 -24.48 -7.84
C ILE A 481 -32.45 -23.60 -8.55
N ASN A 482 -33.57 -24.17 -8.95
CA ASN A 482 -34.64 -23.45 -9.66
C ASN A 482 -34.06 -22.67 -10.85
N GLY A 483 -33.07 -23.20 -11.56
CA GLY A 483 -32.49 -22.51 -12.73
C GLY A 483 -31.41 -21.49 -12.37
N PHE A 484 -31.22 -21.14 -11.10
CA PHE A 484 -30.20 -20.16 -10.64
C PHE A 484 -28.87 -20.84 -10.41
N SER A 485 -27.78 -20.22 -10.85
CA SER A 485 -26.39 -20.64 -10.58
C SER A 485 -26.04 -20.28 -9.14
N ILE A 486 -25.64 -21.28 -8.37
CA ILE A 486 -25.26 -21.11 -6.94
C ILE A 486 -23.83 -21.57 -6.82
N SER A 487 -22.93 -20.63 -6.60
CA SER A 487 -21.47 -20.84 -6.63
C SER A 487 -20.93 -20.95 -5.22
N ASN A 488 -19.98 -21.86 -5.03
CA ASN A 488 -19.10 -21.88 -3.84
C ASN A 488 -18.13 -20.67 -3.86
N GLY A 489 -18.24 -19.79 -2.88
CA GLY A 489 -17.33 -18.62 -2.69
C GLY A 489 -15.87 -19.00 -2.67
N LEU A 490 -15.49 -20.28 -2.52
CA LEU A 490 -14.06 -20.69 -2.52
C LEU A 490 -13.55 -20.98 -3.93
N ALA A 491 -14.47 -21.04 -4.89
CA ALA A 491 -14.15 -21.51 -6.25
C ALA A 491 -14.28 -20.41 -7.29
N THR A 492 -14.32 -19.13 -6.91
CA THR A 492 -14.62 -18.03 -7.87
C THR A 492 -13.54 -18.01 -8.97
N THR A 493 -12.28 -18.35 -8.71
CA THR A 493 -11.28 -18.26 -9.80
C THR A 493 -11.56 -19.33 -10.84
N GLN A 494 -12.22 -20.43 -10.47
CA GLN A 494 -12.56 -21.50 -11.45
C GLN A 494 -13.82 -21.13 -12.22
N ILE A 495 -14.69 -20.28 -11.70
CA ILE A 495 -15.97 -19.96 -12.41
C ILE A 495 -15.77 -18.72 -13.29
N ASN A 496 -15.08 -17.71 -12.77
CA ASN A 496 -14.89 -16.42 -13.47
C ASN A 496 -13.72 -15.70 -12.81
N ASN A 497 -12.55 -15.86 -13.38
CA ASN A 497 -11.33 -15.30 -12.78
C ASN A 497 -11.43 -13.77 -12.73
N LYS A 498 -12.10 -13.11 -13.67
CA LYS A 498 -12.22 -11.62 -13.62
C LYS A 498 -13.20 -11.20 -12.50
N ALA A 499 -14.18 -12.00 -12.14
CA ALA A 499 -15.00 -11.70 -10.94
C ALA A 499 -14.12 -11.84 -9.68
N ALA A 500 -13.17 -12.77 -9.64
CA ALA A 500 -12.37 -13.01 -8.42
C ALA A 500 -11.49 -11.81 -8.21
N THR A 501 -11.03 -11.16 -9.27
CA THR A 501 -10.04 -10.07 -9.11
C THR A 501 -10.74 -8.75 -8.85
N GLY A 502 -12.05 -8.72 -8.95
CA GLY A 502 -12.80 -7.45 -8.90
C GLY A 502 -12.88 -6.74 -10.25
N GLU A 503 -12.38 -7.35 -11.33
CA GLU A 503 -12.45 -6.74 -12.68
C GLU A 503 -13.87 -6.79 -13.28
N GLU A 504 -14.65 -7.82 -12.94
CA GLU A 504 -16.05 -8.00 -13.35
C GLU A 504 -16.90 -8.24 -12.08
N VAL A 505 -18.16 -7.84 -12.14
CA VAL A 505 -19.15 -8.13 -11.10
C VAL A 505 -19.59 -9.57 -11.29
N PRO A 506 -19.56 -10.39 -10.22
CA PRO A 506 -20.03 -11.78 -10.34
C PRO A 506 -21.41 -11.85 -10.96
N ARG A 507 -21.60 -12.83 -11.82
CA ARG A 507 -22.91 -13.06 -12.48
C ARG A 507 -23.61 -14.29 -11.90
N THR A 508 -23.09 -14.90 -10.82
CA THR A 508 -23.80 -16.00 -10.12
C THR A 508 -24.12 -15.58 -8.70
N ILE A 509 -24.97 -16.36 -8.03
CA ILE A 509 -25.23 -16.18 -6.57
C ILE A 509 -24.13 -16.90 -5.81
N ILE A 510 -23.46 -16.22 -4.89
CA ILE A 510 -22.28 -16.80 -4.18
C ILE A 510 -22.64 -17.13 -2.72
N VAL A 511 -22.09 -18.24 -2.26
CA VAL A 511 -22.32 -18.79 -0.91
C VAL A 511 -21.02 -18.71 -0.19
N THR A 512 -21.07 -18.07 0.96
CA THR A 512 -19.95 -17.79 1.86
C THR A 512 -20.32 -18.37 3.23
N THR A 513 -19.44 -19.14 3.86
CA THR A 513 -19.78 -19.75 5.17
C THR A 513 -18.55 -19.81 6.07
N ARG A 514 -18.82 -19.75 7.36
CA ARG A 514 -17.80 -19.89 8.39
C ARG A 514 -17.19 -21.28 8.33
N SER A 515 -17.92 -22.30 7.89
CA SER A 515 -17.32 -23.65 7.78
C SER A 515 -16.17 -23.62 6.78
N GLN A 516 -16.30 -22.92 5.64
CA GLN A 516 -15.28 -22.83 4.56
C GLN A 516 -13.96 -22.36 5.15
N TYR A 517 -13.95 -21.59 6.23
CA TYR A 517 -12.70 -21.01 6.75
C TYR A 517 -12.35 -21.63 8.11
N GLY A 518 -13.02 -22.71 8.50
CA GLY A 518 -12.82 -23.39 9.79
C GLY A 518 -13.13 -22.48 10.96
N LEU A 519 -14.07 -21.54 10.80
CA LEU A 519 -14.45 -20.63 11.90
C LEU A 519 -15.59 -21.24 12.71
N PRO A 520 -15.68 -20.98 14.03
CA PRO A 520 -16.74 -21.58 14.84
C PRO A 520 -18.13 -21.02 14.52
N GLU A 521 -19.13 -21.87 14.33
CA GLU A 521 -20.55 -21.44 14.11
C GLU A 521 -21.13 -20.71 15.34
N ASP A 522 -20.50 -20.79 16.51
CA ASP A 522 -21.21 -20.49 17.81
C ASP A 522 -20.35 -19.55 18.65
N ALA A 523 -19.49 -18.77 18.02
CA ALA A 523 -18.62 -17.85 18.77
C ALA A 523 -18.38 -16.60 17.94
N ILE A 524 -17.94 -15.59 18.66
CA ILE A 524 -17.56 -14.28 18.11
C ILE A 524 -16.29 -14.48 17.28
N VAL A 525 -16.27 -13.89 16.09
CA VAL A 525 -15.09 -13.90 15.19
C VAL A 525 -14.63 -12.47 15.10
N TYR A 526 -13.51 -12.18 15.73
CA TYR A 526 -12.76 -10.93 15.52
C TYR A 526 -11.79 -11.17 14.34
N CYS A 527 -11.66 -10.23 13.42
CA CYS A 527 -10.81 -10.43 12.21
C CYS A 527 -9.82 -9.30 12.12
N ASN A 528 -8.69 -9.57 11.50
CA ASN A 528 -7.84 -8.50 10.93
C ASN A 528 -7.18 -9.05 9.68
N PHE A 529 -7.43 -8.46 8.51
CA PHE A 529 -6.99 -8.99 7.21
C PHE A 529 -5.79 -8.22 6.62
N ASN A 530 -5.03 -7.54 7.46
CA ASN A 530 -3.83 -6.79 7.05
C ASN A 530 -2.65 -7.74 6.91
N GLN A 531 -1.67 -7.32 6.13
CA GLN A 531 -0.36 -7.95 6.17
C GLN A 531 0.09 -7.95 7.64
N LEU A 532 0.79 -9.00 8.06
CA LEU A 532 1.18 -9.23 9.47
C LEU A 532 2.17 -8.19 9.99
N TYR A 533 2.89 -7.48 9.13
CA TYR A 533 3.94 -6.51 9.53
C TYR A 533 3.28 -5.40 10.37
N LYS A 534 1.98 -5.19 10.21
CA LYS A 534 1.29 -4.05 10.87
C LYS A 534 1.02 -4.37 12.34
N ILE A 535 1.12 -5.63 12.73
CA ILE A 535 1.00 -6.13 14.12
C ILE A 535 2.35 -5.96 14.84
N ASP A 536 2.29 -5.55 16.11
CA ASP A 536 3.47 -5.40 17.02
C ASP A 536 3.13 -6.04 18.36
N PRO A 537 4.11 -6.29 19.26
CA PRO A 537 3.83 -6.93 20.55
C PRO A 537 2.66 -6.31 21.34
N SER A 538 2.61 -5.00 21.43
CA SER A 538 1.53 -4.24 22.12
C SER A 538 0.16 -4.65 21.56
N THR A 539 0.03 -4.62 20.24
CA THR A 539 -1.22 -4.89 19.54
C THR A 539 -1.64 -6.31 19.86
N LEU A 540 -0.73 -7.27 19.75
CA LEU A 540 -1.15 -8.68 19.96
C LEU A 540 -1.53 -8.90 21.44
N GLN A 541 -0.91 -8.15 22.36
CA GLN A 541 -1.25 -8.18 23.81
C GLN A 541 -2.67 -7.63 23.99
N MET A 542 -3.01 -6.49 23.37
CA MET A 542 -4.42 -5.98 23.43
C MET A 542 -5.35 -7.07 22.89
N TRP A 543 -4.99 -7.72 21.78
CA TRP A 543 -5.90 -8.70 21.17
C TRP A 543 -6.09 -9.90 22.09
N ALA A 544 -5.02 -10.33 22.73
CA ALA A 544 -5.05 -11.52 23.61
C ALA A 544 -5.92 -11.18 24.83
N ASN A 545 -5.74 -9.99 25.40
CA ASN A 545 -6.59 -9.42 26.50
C ASN A 545 -8.08 -9.56 26.14
N ILE A 546 -8.43 -9.17 24.91
CA ILE A 546 -9.84 -9.14 24.40
C ILE A 546 -10.31 -10.58 24.32
N LEU A 547 -9.50 -11.47 23.75
CA LEU A 547 -9.92 -12.88 23.56
C LEU A 547 -10.13 -13.56 24.93
N LYS A 548 -9.27 -13.26 25.91
CA LYS A 548 -9.39 -13.84 27.27
C LYS A 548 -10.69 -13.37 27.94
N ARG A 549 -11.08 -12.11 27.78
CA ARG A 549 -12.38 -11.55 28.28
C ARG A 549 -13.60 -12.17 27.58
N VAL A 550 -13.44 -12.75 26.40
CA VAL A 550 -14.61 -13.23 25.60
C VAL A 550 -14.39 -14.71 25.28
N PRO A 551 -14.78 -15.59 26.20
CA PRO A 551 -14.65 -17.02 25.97
C PRO A 551 -15.23 -17.41 24.61
N ASN A 552 -14.71 -18.47 24.01
CA ASN A 552 -15.37 -18.97 22.76
C ASN A 552 -14.66 -18.27 21.59
N SER A 553 -14.47 -16.94 21.70
CA SER A 553 -14.20 -16.06 20.56
C SER A 553 -12.86 -16.46 19.95
N VAL A 554 -12.69 -16.18 18.67
CA VAL A 554 -11.42 -16.43 17.94
C VAL A 554 -10.98 -15.15 17.26
N LEU A 555 -9.68 -15.06 16.97
CA LEU A 555 -9.07 -14.03 16.13
C LEU A 555 -8.73 -14.69 14.78
N TRP A 556 -9.19 -14.06 13.70
CA TRP A 556 -9.14 -14.54 12.32
C TRP A 556 -8.09 -13.67 11.62
N LEU A 557 -6.89 -14.23 11.38
CA LEU A 557 -5.80 -13.52 10.67
C LEU A 557 -5.48 -14.22 9.33
N LEU A 558 -4.62 -13.62 8.52
CA LEU A 558 -4.23 -14.22 7.22
C LEU A 558 -2.76 -14.66 7.28
N ARG A 559 -2.45 -15.63 6.46
CA ARG A 559 -1.07 -16.06 6.17
C ARG A 559 -0.50 -15.05 5.21
N PHE A 560 -0.02 -13.95 5.76
CA PHE A 560 0.31 -12.74 4.99
C PHE A 560 1.58 -12.16 5.57
N PRO A 561 2.71 -12.90 5.55
CA PRO A 561 2.83 -14.22 4.93
C PRO A 561 2.65 -15.37 5.90
N ALA A 562 2.46 -16.58 5.35
CA ALA A 562 2.30 -17.84 6.11
C ALA A 562 3.43 -18.05 7.14
N VAL A 563 4.66 -17.72 6.80
CA VAL A 563 5.74 -17.97 7.78
C VAL A 563 5.59 -17.05 8.98
N GLY A 564 4.73 -16.02 8.96
CA GLY A 564 4.45 -15.27 10.21
C GLY A 564 3.61 -16.04 11.23
N GLU A 565 2.89 -17.11 10.86
CA GLU A 565 1.89 -17.75 11.75
C GLU A 565 2.55 -18.35 13.01
N PRO A 566 3.64 -19.16 12.99
CA PRO A 566 4.14 -19.71 14.24
C PRO A 566 4.60 -18.60 15.18
N ASN A 567 5.20 -17.54 14.68
CA ASN A 567 5.56 -16.45 15.62
C ASN A 567 4.32 -15.92 16.39
N ILE A 568 3.29 -15.44 15.69
CA ILE A 568 2.04 -14.90 16.27
C ILE A 568 1.56 -15.95 17.27
N GLN A 569 1.43 -17.22 16.85
CA GLN A 569 0.83 -18.28 17.68
C GLN A 569 1.67 -18.45 18.94
N GLN A 570 2.99 -18.40 18.83
CA GLN A 570 3.87 -18.57 20.01
C GLN A 570 3.65 -17.35 20.92
N TYR A 571 3.75 -16.13 20.43
CA TYR A 571 3.75 -14.96 21.34
C TYR A 571 2.41 -14.91 22.08
N ALA A 572 1.33 -15.37 21.42
CA ALA A 572 -0.03 -15.46 21.99
C ALA A 572 -0.07 -16.60 23.02
N GLN A 573 0.56 -17.75 22.76
CA GLN A 573 0.71 -18.87 23.75
C GLN A 573 1.36 -18.31 25.04
N ASN A 574 2.47 -17.58 24.90
CA ASN A 574 3.16 -16.87 26.00
C ASN A 574 2.26 -15.84 26.68
N MET A 575 1.31 -15.21 25.98
CA MET A 575 0.41 -14.24 26.68
C MET A 575 -0.73 -15.05 27.34
N GLY A 576 -0.56 -16.37 27.50
CA GLY A 576 -1.52 -17.22 28.24
C GLY A 576 -2.77 -17.54 27.44
N LEU A 577 -2.79 -17.16 26.16
CA LEU A 577 -3.93 -17.36 25.27
C LEU A 577 -3.88 -18.81 24.81
N PRO A 578 -4.88 -19.65 25.17
CA PRO A 578 -4.86 -21.05 24.76
C PRO A 578 -4.65 -21.24 23.26
N GLN A 579 -4.29 -22.46 22.90
CA GLN A 579 -4.18 -22.86 21.47
C GLN A 579 -5.59 -22.78 20.88
N ASN A 580 -5.67 -22.60 19.56
CA ASN A 580 -6.93 -22.74 18.76
C ASN A 580 -7.83 -21.49 18.93
N ARG A 581 -7.30 -20.40 19.51
CA ARG A 581 -8.02 -19.11 19.58
C ARG A 581 -7.61 -18.19 18.41
N ILE A 582 -6.54 -18.49 17.69
CA ILE A 582 -6.21 -17.71 16.46
C ILE A 582 -6.33 -18.62 15.24
N ILE A 583 -7.20 -18.29 14.30
CA ILE A 583 -7.40 -19.10 13.07
C ILE A 583 -6.85 -18.31 11.88
N PHE A 584 -6.01 -18.94 11.10
CA PHE A 584 -5.36 -18.36 9.90
C PHE A 584 -6.00 -18.92 8.65
N SER A 585 -6.28 -18.01 7.74
CA SER A 585 -6.75 -18.33 6.38
C SER A 585 -5.70 -17.86 5.39
N PRO A 586 -5.66 -18.46 4.21
CA PRO A 586 -4.84 -17.93 3.12
C PRO A 586 -5.32 -16.55 2.64
N VAL A 587 -4.40 -15.78 2.08
CA VAL A 587 -4.74 -14.59 1.25
C VAL A 587 -5.67 -15.05 0.13
N ALA A 588 -6.77 -14.35 -0.08
CA ALA A 588 -7.78 -14.74 -1.07
C ALA A 588 -7.70 -13.77 -2.25
N PRO A 589 -8.28 -14.14 -3.39
CA PRO A 589 -8.54 -13.14 -4.43
C PRO A 589 -9.38 -11.99 -3.85
N LYS A 590 -9.25 -10.85 -4.46
CA LYS A 590 -9.86 -9.59 -4.02
C LYS A 590 -11.34 -9.76 -3.68
N GLU A 591 -12.19 -10.32 -4.52
CA GLU A 591 -13.63 -10.26 -4.16
C GLU A 591 -13.92 -11.26 -3.04
N GLU A 592 -13.18 -12.35 -2.95
CA GLU A 592 -13.40 -13.32 -1.86
C GLU A 592 -13.02 -12.65 -0.56
N HIS A 593 -11.88 -12.00 -0.54
CA HIS A 593 -11.43 -11.24 0.65
C HIS A 593 -12.54 -10.28 1.11
N VAL A 594 -13.13 -9.49 0.21
CA VAL A 594 -14.17 -8.51 0.63
C VAL A 594 -15.42 -9.31 1.07
N ARG A 595 -15.82 -10.31 0.30
CA ARG A 595 -17.06 -11.05 0.59
C ARG A 595 -16.96 -11.75 1.94
N ARG A 596 -15.82 -12.36 2.23
CA ARG A 596 -15.64 -13.20 3.43
C ARG A 596 -15.58 -12.37 4.70
N GLY A 597 -15.32 -11.06 4.62
CA GLY A 597 -15.42 -10.21 5.81
C GLY A 597 -16.85 -10.23 6.38
N GLN A 598 -17.86 -10.53 5.57
CA GLN A 598 -19.23 -10.68 6.10
C GLN A 598 -19.31 -11.76 7.21
N LEU A 599 -18.33 -12.66 7.34
CA LEU A 599 -18.42 -13.80 8.28
C LEU A 599 -17.94 -13.37 9.67
N ALA A 600 -17.21 -12.28 9.75
CA ALA A 600 -16.69 -11.79 11.03
C ALA A 600 -17.82 -11.05 11.75
N ASP A 601 -17.70 -10.93 13.07
CA ASP A 601 -18.51 -10.02 13.91
C ASP A 601 -17.90 -8.62 13.91
N VAL A 602 -16.61 -8.56 14.18
CA VAL A 602 -15.85 -7.32 14.49
C VAL A 602 -14.47 -7.43 13.87
N CYS A 603 -13.98 -6.30 13.43
CA CYS A 603 -12.62 -6.18 12.92
C CYS A 603 -11.83 -5.44 13.97
N LEU A 604 -10.70 -5.98 14.39
CA LEU A 604 -9.80 -5.29 15.32
C LEU A 604 -8.70 -4.68 14.46
N ASP A 605 -8.73 -3.38 14.26
CA ASP A 605 -7.73 -2.64 13.47
C ASP A 605 -6.41 -2.64 14.22
N THR A 606 -5.30 -2.57 13.47
CA THR A 606 -3.88 -2.48 13.91
C THR A 606 -3.59 -1.02 14.23
N PRO A 607 -3.27 -0.66 15.49
CA PRO A 607 -3.00 0.75 15.79
C PRO A 607 -1.64 1.25 15.25
N LEU A 608 -0.63 0.39 15.14
CA LEU A 608 0.70 0.83 14.62
C LEU A 608 0.54 1.39 13.21
N CYS A 609 -0.08 0.62 12.33
CA CYS A 609 -0.43 1.05 10.97
C CYS A 609 -1.81 0.49 10.67
N ASN A 610 -2.78 1.37 10.48
CA ASN A 610 -4.18 0.91 10.35
C ASN A 610 -4.34 0.17 9.02
N GLY A 611 -5.43 -0.57 8.92
CA GLY A 611 -6.03 -0.88 7.62
C GLY A 611 -6.42 0.40 6.93
N HIS A 612 -5.99 0.56 5.68
CA HIS A 612 -6.33 1.68 4.78
C HIS A 612 -7.28 1.09 3.77
N THR A 613 -6.76 0.55 2.67
CA THR A 613 -7.64 -0.20 1.75
C THR A 613 -8.37 -1.28 2.54
N THR A 614 -7.65 -1.97 3.41
CA THR A 614 -8.20 -3.13 4.17
C THR A 614 -9.37 -2.69 5.05
N GLY A 615 -9.34 -1.44 5.53
CA GLY A 615 -10.39 -0.84 6.36
C GLY A 615 -11.64 -0.60 5.57
N MET A 616 -11.50 -0.04 4.37
CA MET A 616 -12.63 0.10 3.43
C MET A 616 -13.22 -1.28 3.10
N ASP A 617 -12.39 -2.29 2.90
CA ASP A 617 -12.84 -3.65 2.51
C ASP A 617 -13.76 -4.17 3.62
N VAL A 618 -13.35 -4.05 4.87
CA VAL A 618 -14.09 -4.67 5.99
C VAL A 618 -15.42 -3.90 6.22
N LEU A 619 -15.40 -2.58 6.16
CA LEU A 619 -16.62 -1.73 6.27
C LEU A 619 -17.59 -2.05 5.15
N TRP A 620 -17.13 -2.41 3.96
CA TRP A 620 -18.09 -2.68 2.86
C TRP A 620 -18.89 -3.94 3.16
N ALA A 621 -18.32 -4.84 3.95
CA ALA A 621 -18.98 -6.12 4.31
C ALA A 621 -19.98 -5.87 5.44
N GLY A 622 -20.00 -4.67 6.04
CA GLY A 622 -20.90 -4.34 7.16
C GLY A 622 -20.29 -4.70 8.50
N THR A 623 -18.97 -4.89 8.53
CA THR A 623 -18.25 -5.33 9.73
C THR A 623 -17.69 -4.12 10.45
N PRO A 624 -18.12 -3.87 11.69
CA PRO A 624 -17.61 -2.76 12.45
C PRO A 624 -16.10 -2.99 12.71
N MET A 625 -15.39 -1.90 12.77
CA MET A 625 -13.93 -1.92 12.97
C MET A 625 -13.65 -1.09 14.20
N VAL A 626 -12.98 -1.68 15.18
CA VAL A 626 -12.49 -0.94 16.39
C VAL A 626 -11.09 -0.44 16.06
N THR A 627 -10.82 0.83 16.30
CA THR A 627 -9.49 1.40 15.99
C THR A 627 -9.06 2.26 17.15
N MET A 628 -7.77 2.49 17.24
CA MET A 628 -7.16 3.45 18.20
C MET A 628 -6.23 4.37 17.42
N PRO A 629 -6.70 5.55 16.99
CA PRO A 629 -5.87 6.45 16.20
C PRO A 629 -4.61 6.81 16.98
N GLY A 630 -3.46 6.97 16.31
CA GLY A 630 -2.13 7.22 16.88
C GLY A 630 -1.65 8.60 16.48
N GLU A 631 -0.35 8.80 16.26
CA GLU A 631 0.26 10.11 15.87
C GLU A 631 0.25 10.26 14.35
N THR A 632 0.83 9.24 13.72
CA THR A 632 1.20 9.18 12.29
C THR A 632 -0.07 9.20 11.45
N LEU A 633 -0.03 9.77 10.26
CA LEU A 633 -1.16 9.65 9.30
C LEU A 633 -1.61 8.17 9.19
N ALA A 634 -0.68 7.22 9.11
CA ALA A 634 -0.97 5.79 8.85
C ALA A 634 -1.76 5.18 10.01
N SER A 635 -1.63 5.75 11.21
CA SER A 635 -2.25 5.22 12.44
C SER A 635 -3.62 5.89 12.64
N ARG A 636 -4.01 6.82 11.76
CA ARG A 636 -5.25 7.59 11.98
C ARG A 636 -6.24 7.40 10.82
N VAL A 637 -5.90 6.67 9.77
CA VAL A 637 -6.79 6.55 8.59
C VAL A 637 -8.07 5.81 9.00
N ALA A 638 -8.00 4.73 9.77
CA ALA A 638 -9.23 3.96 10.08
C ALA A 638 -10.21 4.85 10.89
N ALA A 639 -9.70 5.67 11.82
CA ALA A 639 -10.56 6.57 12.64
C ALA A 639 -11.17 7.63 11.72
N SER A 640 -10.45 8.11 10.72
CA SER A 640 -11.06 9.02 9.72
C SER A 640 -12.18 8.30 8.95
N GLN A 641 -12.00 7.04 8.53
CA GLN A 641 -13.05 6.29 7.76
C GLN A 641 -14.29 6.18 8.63
N LEU A 642 -14.07 5.83 9.90
CA LEU A 642 -15.17 5.52 10.83
C LEU A 642 -15.92 6.82 11.17
N THR A 643 -15.24 7.95 11.26
CA THR A 643 -15.87 9.29 11.46
C THR A 643 -16.76 9.63 10.28
N CYS A 644 -16.27 9.39 9.06
CA CYS A 644 -17.06 9.67 7.83
C CYS A 644 -18.26 8.73 7.83
N LEU A 645 -18.04 7.50 8.27
CA LEU A 645 -19.13 6.51 8.26
C LEU A 645 -20.16 6.93 9.32
N GLY A 646 -19.74 7.65 10.34
CA GLY A 646 -20.59 8.12 11.46
C GLY A 646 -20.65 7.09 12.58
N CYS A 647 -19.53 6.44 12.92
CA CYS A 647 -19.44 5.41 13.97
C CYS A 647 -18.34 5.80 14.96
N LEU A 648 -18.53 6.92 15.67
CA LEU A 648 -17.57 7.47 16.65
C LEU A 648 -17.39 6.51 17.84
N GLU A 649 -18.35 5.63 18.09
CA GLU A 649 -18.28 4.72 19.26
C GLU A 649 -17.20 3.67 19.01
N LEU A 650 -16.66 3.57 17.79
CA LEU A 650 -15.70 2.47 17.44
C LEU A 650 -14.28 3.01 17.49
N ILE A 651 -14.10 4.30 17.76
CA ILE A 651 -12.77 4.96 17.88
C ILE A 651 -12.39 5.01 19.36
N ALA A 652 -11.28 4.38 19.75
CA ALA A 652 -10.76 4.29 21.15
C ALA A 652 -9.68 5.35 21.36
N LYS A 653 -9.68 6.04 22.51
CA LYS A 653 -8.67 7.11 22.84
C LYS A 653 -7.45 6.50 23.55
N ASN A 654 -7.50 5.21 23.92
CA ASN A 654 -6.39 4.47 24.56
C ASN A 654 -6.71 2.98 24.50
N ARG A 655 -5.84 2.14 25.05
CA ARG A 655 -5.87 0.67 24.83
C ARG A 655 -6.97 0.04 25.65
N GLN A 656 -7.21 0.55 26.85
CA GLN A 656 -8.28 0.01 27.71
C GLN A 656 -9.61 0.20 26.99
N GLU A 657 -9.77 1.36 26.40
CA GLU A 657 -11.02 1.66 25.68
C GLU A 657 -11.14 0.77 24.43
N TYR A 658 -10.04 0.56 23.70
CA TYR A 658 -10.02 -0.36 22.53
C TYR A 658 -10.52 -1.72 22.99
N GLU A 659 -9.92 -2.24 24.06
CA GLU A 659 -10.33 -3.57 24.56
C GLU A 659 -11.79 -3.54 25.01
N ASP A 660 -12.22 -2.49 25.73
CA ASP A 660 -13.59 -2.46 26.32
C ASP A 660 -14.62 -2.41 25.18
N ILE A 661 -14.36 -1.57 24.18
CA ILE A 661 -15.23 -1.50 22.97
C ILE A 661 -15.28 -2.89 22.35
N ALA A 662 -14.12 -3.52 22.17
CA ALA A 662 -14.04 -4.81 21.47
C ALA A 662 -14.75 -5.83 22.32
N VAL A 663 -14.52 -5.82 23.64
CA VAL A 663 -15.15 -6.87 24.51
C VAL A 663 -16.65 -6.64 24.55
N LYS A 664 -17.06 -5.39 24.63
CA LYS A 664 -18.51 -5.09 24.61
C LYS A 664 -19.14 -5.61 23.30
N LEU A 665 -18.50 -5.38 22.13
CA LEU A 665 -19.14 -5.82 20.86
C LEU A 665 -19.17 -7.34 20.83
N GLY A 666 -18.24 -7.99 21.54
CA GLY A 666 -18.23 -9.47 21.60
C GLY A 666 -19.13 -10.09 22.66
N THR A 667 -19.72 -9.32 23.56
CA THR A 667 -20.58 -9.88 24.66
C THR A 667 -22.01 -9.32 24.63
N ASP A 668 -22.14 -8.00 24.58
CA ASP A 668 -23.45 -7.32 24.38
C ASP A 668 -23.99 -7.58 22.96
N LEU A 669 -24.65 -8.70 22.74
CA LEU A 669 -25.03 -9.12 21.38
C LEU A 669 -26.03 -8.13 20.76
N GLU A 670 -26.91 -7.50 21.57
CA GLU A 670 -27.91 -6.55 21.03
C GLU A 670 -27.16 -5.32 20.59
N TYR A 671 -26.14 -4.94 21.34
CA TYR A 671 -25.33 -3.74 20.98
C TYR A 671 -24.58 -4.09 19.67
N LEU A 672 -24.14 -5.35 19.53
CA LEU A 672 -23.37 -5.82 18.35
C LEU A 672 -24.30 -5.67 17.13
N LYS A 673 -25.51 -6.14 17.27
CA LYS A 673 -26.55 -6.10 16.22
C LYS A 673 -26.83 -4.65 15.84
N LYS A 674 -26.96 -3.81 16.83
CA LYS A 674 -27.16 -2.38 16.56
C LYS A 674 -25.95 -1.85 15.77
N VAL A 675 -24.73 -2.11 16.22
CA VAL A 675 -23.55 -1.39 15.63
C VAL A 675 -23.35 -1.85 14.20
N ARG A 676 -23.57 -3.13 13.96
CA ARG A 676 -23.43 -3.80 12.67
C ARG A 676 -24.50 -3.22 11.75
N GLY A 677 -25.73 -3.12 12.24
CA GLY A 677 -26.84 -2.52 11.48
C GLY A 677 -26.48 -1.10 11.08
N LYS A 678 -25.81 -0.40 11.96
CA LYS A 678 -25.40 1.00 11.65
C LYS A 678 -24.36 0.99 10.51
N VAL A 679 -23.37 0.11 10.56
CA VAL A 679 -22.30 0.06 9.50
C VAL A 679 -22.94 -0.37 8.19
N TRP A 680 -23.78 -1.39 8.23
CA TRP A 680 -24.47 -1.90 7.06
C TRP A 680 -25.24 -0.80 6.31
N LYS A 681 -26.04 0.00 6.99
CA LYS A 681 -26.80 1.10 6.36
C LYS A 681 -25.85 2.24 5.98
N GLN A 682 -24.97 2.64 6.90
CA GLN A 682 -24.15 3.87 6.69
C GLN A 682 -23.11 3.64 5.57
N ARG A 683 -22.74 2.40 5.20
CA ARG A 683 -21.80 2.21 4.06
C ARG A 683 -22.43 2.77 2.79
N ILE A 684 -23.77 2.83 2.71
CA ILE A 684 -24.55 3.44 1.59
C ILE A 684 -24.93 4.92 1.88
N SER A 685 -25.52 5.21 3.06
CA SER A 685 -26.04 6.53 3.48
C SER A 685 -24.93 7.54 3.63
N SER A 686 -23.82 7.15 4.25
CA SER A 686 -22.69 8.06 4.52
C SER A 686 -22.00 8.34 3.20
N PRO A 687 -21.11 9.35 3.18
CA PRO A 687 -20.22 9.57 2.04
C PRO A 687 -19.10 8.55 1.80
N LEU A 688 -18.88 7.58 2.70
CA LEU A 688 -17.59 6.84 2.74
C LEU A 688 -17.29 6.19 1.36
N PHE A 689 -18.32 5.65 0.70
CA PHE A 689 -18.21 4.84 -0.55
C PHE A 689 -18.85 5.56 -1.75
N ASN A 690 -19.15 6.84 -1.61
CA ASN A 690 -19.90 7.67 -2.58
C ASN A 690 -18.87 8.39 -3.45
N THR A 691 -18.51 7.79 -4.57
CA THR A 691 -17.40 8.27 -5.39
C THR A 691 -17.80 9.58 -6.08
N LYS A 692 -19.08 9.73 -6.44
CA LYS A 692 -19.51 10.98 -7.11
C LYS A 692 -19.34 12.16 -6.12
N GLN A 693 -19.92 12.06 -4.93
CA GLN A 693 -19.77 13.09 -3.90
C GLN A 693 -18.28 13.34 -3.65
N TYR A 694 -17.49 12.30 -3.43
CA TYR A 694 -16.04 12.46 -3.22
C TYR A 694 -15.40 13.26 -4.39
N THR A 695 -15.71 12.93 -5.63
CA THR A 695 -15.09 13.62 -6.78
C THR A 695 -15.50 15.11 -6.73
N MET A 696 -16.70 15.43 -6.27
CA MET A 696 -17.25 16.80 -6.33
C MET A 696 -16.54 17.63 -5.26
N GLU A 697 -16.30 17.03 -4.11
CA GLU A 697 -15.57 17.67 -2.98
C GLU A 697 -14.10 17.83 -3.36
N LEU A 698 -13.54 16.86 -4.04
CA LEU A 698 -12.15 16.95 -4.51
C LEU A 698 -12.05 18.09 -5.54
N GLU A 699 -13.08 18.26 -6.36
CA GLU A 699 -13.15 19.34 -7.36
C GLU A 699 -13.23 20.69 -6.63
N ARG A 700 -14.03 20.83 -5.59
CA ARG A 700 -14.12 22.12 -4.84
C ARG A 700 -12.73 22.47 -4.33
N LEU A 701 -12.05 21.48 -3.76
CA LEU A 701 -10.77 21.66 -3.07
C LEU A 701 -9.73 22.03 -4.12
N TYR A 702 -9.83 21.47 -5.32
CA TYR A 702 -8.91 21.78 -6.44
C TYR A 702 -9.10 23.21 -6.94
N LEU A 703 -10.34 23.73 -6.94
CA LEU A 703 -10.61 25.09 -7.43
C LEU A 703 -10.10 26.05 -6.35
N GLN A 704 -10.28 25.73 -5.06
CA GLN A 704 -9.63 26.53 -3.99
C GLN A 704 -8.12 26.61 -4.25
N MET A 705 -7.47 25.49 -4.54
CA MET A 705 -6.00 25.46 -4.70
C MET A 705 -5.61 26.40 -5.83
N TRP A 706 -6.47 26.48 -6.84
CA TRP A 706 -6.16 27.17 -8.11
C TRP A 706 -6.37 28.68 -7.96
N GLU A 707 -7.49 29.10 -7.37
CA GLU A 707 -7.77 30.49 -6.94
C GLU A 707 -6.54 31.02 -6.21
N HIS A 708 -6.22 30.41 -5.08
CA HIS A 708 -5.15 30.82 -4.15
C HIS A 708 -3.85 31.09 -4.92
N TYR A 709 -3.59 30.40 -6.03
CA TYR A 709 -2.35 30.62 -6.84
C TYR A 709 -2.60 31.50 -8.08
N ALA A 710 -3.83 31.59 -8.61
CA ALA A 710 -4.18 32.52 -9.71
C ALA A 710 -4.01 33.95 -9.19
N ALA A 711 -4.47 34.18 -7.95
CA ALA A 711 -4.25 35.41 -7.16
C ALA A 711 -2.78 35.52 -6.69
N GLY A 712 -1.85 34.76 -7.29
CA GLY A 712 -0.39 34.72 -6.97
C GLY A 712 -0.04 34.62 -5.48
N ASN A 713 -0.83 33.94 -4.65
CA ASN A 713 -0.41 33.65 -3.25
C ASN A 713 0.46 32.39 -3.24
N LYS A 714 1.06 32.09 -2.10
CA LYS A 714 1.86 30.87 -1.84
C LYS A 714 0.91 29.78 -1.36
N PRO A 715 1.27 28.49 -1.54
CA PRO A 715 0.54 27.41 -0.90
C PRO A 715 0.28 27.71 0.58
N ASP A 716 -0.97 27.59 1.06
CA ASP A 716 -1.27 27.60 2.51
C ASP A 716 -2.36 26.58 2.88
N HIS A 717 -2.37 26.14 4.16
CA HIS A 717 -3.37 25.25 4.80
C HIS A 717 -4.79 25.64 4.39
N MET A 718 -5.62 24.65 4.05
CA MET A 718 -7.02 24.83 3.58
C MET A 718 -7.96 24.03 4.48
N ILE A 719 -8.76 24.73 5.30
CA ILE A 719 -9.64 24.26 6.42
C ILE A 719 -11.01 24.95 6.33
#